data_5SXC
#
_entry.id   5SXC
#
_cell.length_a   114.735
_cell.length_b   117.271
_cell.length_c   150.299
_cell.angle_alpha   90.000
_cell.angle_beta   90.000
_cell.angle_gamma   90.000
#
_symmetry.space_group_name_H-M   'P 21 21 21'
#
loop_
_entity.id
_entity.type
_entity.pdbx_description
1 polymer 'Phosphatidylinositol 4,5-bisphosphate 3-kinase catalytic subunit alpha isoform'
2 polymer 'Phosphatidylinositol 3-kinase regulatory subunit alpha'
3 non-polymer 5-FLUOROURACIL
#
loop_
_entity_poly.entity_id
_entity_poly.type
_entity_poly.pdbx_seq_one_letter_code
_entity_poly.pdbx_strand_id
1 'polypeptide(L)'
;MSYYHHHHHHDYDIPTTENLYFQGAMGSMPPRPS(SEP)GELWGIHLMPPRILVECLLPNGMIVTLECLREATLITIKHE
LFKEARKYPLHQLLQDESSYIFVSVTQEAEREEFFDETRRLCDLRLFQPFLKVIEPVGNREEKILNREIGFAIGMPVCEF
DMVKDPEVQDFRRNILNVCKEAVDLRDLNSPHSRAMYVYPPNVESSPELPKHIYNKLDKGQIIVVIWVIVSPNNDKQKYT
LKINHDCVPEQVIAEAIRKKTRSMLLSSEQLKLCVLEYQGKYILKVCGCDEYFLEKYPLSQYKYIRSCIMLGRMPNLMLM
AKESLYSQLPMDCFTMPSYSRRISTATPYMNGETSTKSLWVINSALRIKILCATYVNVNIRDIDKIYVRTGIYHGGEPLC
DNVNTQRVPCSNPRWNEWLNYDIYIPDLPRAARLCLSICSVKGRKGAKEEHCPLAWGNINLFDYTDTLVSGKMALNLWPV
PHGLEDLLNPIGVTGSNPNKETPCLELEFDWFSSVVKFPDMSVIEEHANWSVSREAGFSYSHAGLSNRLARDNELRENDK
EQLKAISTRDPLSEITEQEKDFLWSHRHYCVTIPEILPKLLLSVKWNSRDEVAQMYCLVKDWPPIKPEQAMELLDCNYPD
PMVRGFAVRCLEKYLTDDKLSQYLIQLVQVLKYEQYLDNLLVRFLLKKALTNQRIGHFFFWHLKSEMHNKTVSQRFGLLL
ESYCRACGMYLKHLNRQVEAMEKLINLTDILKQEKKDETQKVQMKFLVEQMRRPDFMDALQGFLSPLNPAHQLGNLRLEE
CRIMSSAKRPLWLNWENPDIM(SEP)ELLFQNNEIIFKNGDDLRQDMLTLQIIRIMENIWQNQGLDLRMLPYGCLSIGDC
VGLIEVVRNSHTIMQIQCKGGLKGALQFNSHTLHQWLKDKNKGEIYDAAIDLFTRSCAGYCVATFILGIGDRHNSNIMVK
DDGQLFHIDFGHFLDHKKKKFGYKRERVPFVLTQDFLIVISKGAQECTKTREFERFQEMCYKAYLAIRQHANLFINLFSM
MLGSGMPELQSFDDIAYIRKTLALDKTEQEALEYFMKQMNDAHHGGWTTKMDWIFHTIKQHALN
;
A
2 'polypeptide(L)'
;MNNNMSLQDAEWYWGDISREEVNEKLRDTADGTFLVRDASTKMHGDYTLTLRKGGNNKLIKIFHRDGKYGFSDPLTFSSV
VELINHYRNESLAQYNPKLDVKLLYPVSKYQQDQVVKEDNIEAVGKKLHEYNTQFQEKSREYDRLYEEYTRTSQEIQMKR
TAIEAFNETIKIFEEQCQTQERYSKEYIEKFKREGNEKEIQRIMHNYDKLKSRISEIIDSRRRLEEDLKKQAAEYREIDK
RMNSIKPDLIQLRKTRDQYLMWLTQKGVRQKKLNEWLGN
;
B
#
loop_
_chem_comp.id
_chem_comp.type
_chem_comp.name
_chem_comp.formula
URF non-polymer 5-FLUOROURACIL 'C4 H3 F N2 O2'
#
# COMPACT_ATOMS: atom_id res chain seq x y z
N SER A 2 -21.16 38.90 30.69
CA SER A 2 -20.55 38.49 31.99
C SER A 2 -19.59 37.34 31.76
N TYR A 3 -20.11 36.35 31.04
CA TYR A 3 -19.36 35.17 30.59
C TYR A 3 -18.18 35.57 29.73
N TYR A 4 -18.46 36.40 28.73
CA TYR A 4 -17.51 36.70 27.68
C TYR A 4 -16.94 38.14 27.72
N HIS A 5 -17.16 38.85 28.82
CA HIS A 5 -16.88 40.29 28.91
C HIS A 5 -17.51 41.09 27.75
N HIS A 6 -18.70 40.65 27.35
CA HIS A 6 -19.42 41.26 26.23
C HIS A 6 -18.51 41.55 25.02
N HIS A 7 -17.59 40.63 24.72
CA HIS A 7 -16.78 40.72 23.52
C HIS A 7 -17.55 40.09 22.37
N HIS A 8 -17.71 40.84 21.29
CA HIS A 8 -18.37 40.33 20.11
C HIS A 8 -17.30 39.76 19.20
N HIS A 9 -17.55 38.56 18.67
CA HIS A 9 -16.80 38.08 17.50
C HIS A 9 -17.63 38.45 16.27
N HIS A 10 -17.17 39.49 15.58
CA HIS A 10 -17.95 40.12 14.51
C HIS A 10 -18.00 39.26 13.25
N ASP A 11 -16.87 38.62 12.95
CA ASP A 11 -16.72 37.78 11.75
C ASP A 11 -17.71 36.61 11.72
N TYR A 12 -17.72 35.81 12.80
CA TYR A 12 -18.47 34.54 12.87
C TYR A 12 -19.92 34.71 12.40
N ASP A 13 -20.29 33.86 11.44
CA ASP A 13 -21.66 33.77 10.95
C ASP A 13 -22.03 32.29 10.94
N ILE A 14 -23.06 31.93 11.71
CA ILE A 14 -23.72 30.61 11.62
C ILE A 14 -24.02 30.03 10.21
N PRO A 15 -24.37 30.87 9.18
CA PRO A 15 -24.34 30.24 7.85
C PRO A 15 -22.90 29.84 7.43
N THR A 16 -22.65 28.53 7.50
CA THR A 16 -21.33 27.88 7.34
C THR A 16 -20.44 28.07 8.58
N PRO A 30 -12.21 11.40 3.18
CA PRO A 30 -13.28 11.28 2.19
C PRO A 30 -13.09 12.24 0.99
N PRO A 31 -12.01 12.06 0.20
CA PRO A 31 -11.61 13.07 -0.80
C PRO A 31 -12.61 13.27 -1.95
N ARG A 32 -12.84 12.22 -2.74
CA ARG A 32 -13.82 12.23 -3.85
C ARG A 32 -13.40 13.16 -5.02
N PRO A 33 -14.11 13.18 -6.16
CA PRO A 33 -15.22 12.26 -6.53
C PRO A 33 -14.98 11.45 -7.83
N SER A 34 -15.19 10.13 -7.76
CA SER A 34 -15.07 9.23 -8.92
C SER A 34 -16.41 9.15 -9.64
N SEP A 35 -16.53 9.83 -10.78
CA SEP A 35 -17.82 9.97 -11.47
CB SEP A 35 -17.89 11.14 -12.45
OG SEP A 35 -17.96 12.38 -11.72
C SEP A 35 -18.20 8.67 -12.09
O SEP A 35 -17.34 7.84 -12.44
P SEP A 35 -19.12 12.82 -10.66
O1P SEP A 35 -19.10 14.33 -10.68
O2P SEP A 35 -18.72 12.26 -9.30
O3P SEP A 35 -20.37 12.19 -11.22
N GLY A 36 -19.50 8.48 -12.22
CA GLY A 36 -20.05 7.15 -12.27
C GLY A 36 -20.44 6.66 -13.63
N GLU A 37 -21.75 6.45 -13.80
CA GLU A 37 -22.31 5.75 -14.97
C GLU A 37 -22.30 6.58 -16.25
N LEU A 38 -22.45 7.89 -16.11
CA LEU A 38 -22.39 8.86 -17.21
C LEU A 38 -21.56 10.06 -16.72
N TRP A 39 -21.05 10.90 -17.62
CA TRP A 39 -20.27 12.05 -17.18
C TRP A 39 -21.15 13.00 -16.38
N GLY A 40 -20.63 13.36 -15.21
CA GLY A 40 -21.29 14.35 -14.34
C GLY A 40 -22.48 13.87 -13.54
N ILE A 41 -22.85 12.60 -13.68
CA ILE A 41 -23.99 12.03 -12.96
C ILE A 41 -23.57 10.66 -12.40
N HIS A 42 -23.96 10.34 -11.17
CA HIS A 42 -23.60 9.06 -10.54
C HIS A 42 -24.34 7.85 -11.14
N LEU A 43 -25.67 7.97 -11.22
CA LEU A 43 -26.55 6.86 -11.51
C LEU A 43 -27.51 7.27 -12.61
N MET A 44 -27.38 6.67 -13.79
CA MET A 44 -28.11 7.20 -14.93
C MET A 44 -29.60 6.95 -14.78
N PRO A 45 -30.43 7.95 -15.10
CA PRO A 45 -31.88 7.85 -15.09
C PRO A 45 -32.43 6.58 -15.67
N PRO A 46 -33.48 6.03 -15.06
CA PRO A 46 -33.96 4.67 -15.32
C PRO A 46 -34.41 4.39 -16.78
N ARG A 47 -34.81 5.45 -17.47
CA ARG A 47 -35.06 5.45 -18.89
C ARG A 47 -34.31 6.67 -19.41
N ILE A 48 -33.73 6.55 -20.61
CA ILE A 48 -32.84 7.59 -21.18
C ILE A 48 -32.80 7.56 -22.70
N LEU A 49 -32.45 8.71 -23.28
CA LEU A 49 -32.36 8.87 -24.73
C LEU A 49 -30.92 8.82 -25.23
N VAL A 50 -30.69 8.01 -26.26
CA VAL A 50 -29.34 7.81 -26.79
C VAL A 50 -29.31 7.86 -28.32
N GLU A 51 -28.54 8.81 -28.87
CA GLU A 51 -28.44 8.96 -30.32
C GLU A 51 -27.63 7.84 -30.92
N CYS A 52 -28.29 6.88 -31.52
CA CYS A 52 -27.62 5.92 -32.37
C CYS A 52 -27.25 6.56 -33.72
N LEU A 53 -25.98 6.42 -34.10
CA LEU A 53 -25.42 6.93 -35.37
C LEU A 53 -25.17 5.73 -36.26
N LEU A 54 -25.66 5.79 -37.49
CA LEU A 54 -25.58 4.66 -38.44
C LEU A 54 -24.51 4.88 -39.55
N PRO A 55 -24.15 3.81 -40.32
CA PRO A 55 -23.20 3.91 -41.47
C PRO A 55 -23.65 4.93 -42.51
N ASN A 56 -24.97 5.04 -42.66
CA ASN A 56 -25.61 6.00 -43.56
C ASN A 56 -25.80 7.44 -43.00
N GLY A 57 -25.00 7.86 -42.03
CA GLY A 57 -25.06 9.22 -41.50
C GLY A 57 -26.37 9.71 -40.84
N MET A 58 -27.32 8.79 -40.62
CA MET A 58 -28.62 9.10 -40.00
C MET A 58 -28.50 9.04 -38.48
N ILE A 59 -29.19 9.96 -37.82
CA ILE A 59 -29.31 10.01 -36.36
C ILE A 59 -30.73 9.65 -35.98
N VAL A 60 -30.98 8.40 -35.61
CA VAL A 60 -32.14 8.10 -34.77
C VAL A 60 -31.82 8.60 -33.34
N THR A 61 -32.77 8.46 -32.43
CA THR A 61 -32.56 8.78 -31.01
C THR A 61 -33.41 7.80 -30.21
N LEU A 62 -32.91 6.59 -30.02
CA LEU A 62 -33.64 5.58 -29.25
C LEU A 62 -33.82 5.99 -27.77
N GLU A 63 -35.01 5.69 -27.24
CA GLU A 63 -35.26 5.76 -25.80
C GLU A 63 -34.98 4.38 -25.23
N CYS A 64 -34.17 4.36 -24.19
CA CYS A 64 -33.56 3.13 -23.73
C CYS A 64 -33.66 3.05 -22.24
N LEU A 65 -33.86 1.83 -21.75
CA LEU A 65 -33.83 1.63 -20.31
C LEU A 65 -32.36 1.54 -19.87
N ARG A 66 -32.04 2.28 -18.81
CA ARG A 66 -30.76 2.22 -18.07
C ARG A 66 -30.00 0.92 -18.21
N GLU A 67 -30.72 -0.19 -18.04
CA GLU A 67 -30.13 -1.50 -17.87
C GLU A 67 -30.28 -2.40 -19.09
N ALA A 68 -30.61 -1.83 -20.24
CA ALA A 68 -30.85 -2.64 -21.42
C ALA A 68 -29.53 -2.99 -22.06
N THR A 69 -29.42 -4.21 -22.57
CA THR A 69 -28.21 -4.66 -23.27
C THR A 69 -28.04 -4.03 -24.64
N LEU A 70 -26.86 -4.17 -25.19
CA LEU A 70 -26.62 -3.72 -26.56
C LEU A 70 -27.30 -4.67 -27.58
N ILE A 71 -27.46 -5.96 -27.26
CA ILE A 71 -28.34 -6.85 -28.03
C ILE A 71 -29.71 -6.23 -28.14
N THR A 72 -30.28 -5.83 -26.99
CA THR A 72 -31.61 -5.20 -26.92
C THR A 72 -31.66 -3.88 -27.70
N ILE A 73 -30.59 -3.11 -27.65
CA ILE A 73 -30.54 -1.81 -28.34
C ILE A 73 -30.32 -1.96 -29.84
N LYS A 74 -29.46 -2.89 -30.25
CA LYS A 74 -29.19 -3.12 -31.67
C LYS A 74 -30.46 -3.70 -32.30
N HIS A 75 -30.89 -4.84 -31.78
CA HIS A 75 -32.07 -5.57 -32.29
C HIS A 75 -33.29 -4.65 -32.44
N GLU A 76 -33.38 -3.61 -31.61
CA GLU A 76 -34.41 -2.60 -31.74
C GLU A 76 -34.03 -1.48 -32.71
N LEU A 77 -32.82 -0.93 -32.59
CA LEU A 77 -32.29 0.08 -33.53
C LEU A 77 -32.40 -0.27 -35.02
N PHE A 78 -32.27 -1.56 -35.32
CA PHE A 78 -32.46 -2.09 -36.70
C PHE A 78 -33.92 -2.46 -37.01
N LYS A 79 -34.84 -2.09 -36.13
CA LYS A 79 -36.27 -2.05 -36.43
C LYS A 79 -36.87 -0.63 -36.33
N GLU A 80 -36.17 0.30 -35.68
CA GLU A 80 -36.51 1.74 -35.66
C GLU A 80 -35.73 2.54 -36.69
N ALA A 81 -34.71 1.96 -37.32
CA ALA A 81 -34.04 2.59 -38.46
C ALA A 81 -34.78 2.30 -39.77
N ARG A 82 -35.56 1.21 -39.81
CA ARG A 82 -36.50 0.93 -40.92
C ARG A 82 -37.56 2.02 -41.17
N LYS A 83 -37.84 2.85 -40.16
CA LYS A 83 -38.78 3.98 -40.29
C LYS A 83 -38.07 5.32 -40.54
N TYR A 84 -36.79 5.21 -40.91
CA TYR A 84 -35.93 6.34 -41.24
C TYR A 84 -35.39 6.15 -42.68
N PRO A 85 -34.82 7.22 -43.28
CA PRO A 85 -34.42 7.08 -44.68
C PRO A 85 -33.19 6.22 -44.90
N LEU A 86 -32.96 5.86 -46.16
CA LEU A 86 -31.76 5.16 -46.59
C LEU A 86 -31.59 3.77 -45.94
N HIS A 87 -32.70 3.07 -45.63
CA HIS A 87 -32.65 1.77 -44.94
C HIS A 87 -31.80 0.70 -45.68
N GLN A 88 -31.90 0.64 -47.01
CA GLN A 88 -31.16 -0.37 -47.78
C GLN A 88 -29.65 -0.08 -47.96
N LEU A 89 -29.15 1.00 -47.32
CA LEU A 89 -27.70 1.28 -47.19
C LEU A 89 -27.10 0.73 -45.87
N LEU A 90 -27.81 -0.19 -45.22
CA LEU A 90 -27.39 -0.79 -43.96
C LEU A 90 -27.44 -2.29 -44.13
N GLN A 91 -26.34 -2.96 -43.77
CA GLN A 91 -26.27 -4.41 -43.79
C GLN A 91 -27.20 -5.00 -42.72
N ASP A 92 -27.37 -6.33 -42.76
CA ASP A 92 -27.98 -7.06 -41.66
C ASP A 92 -27.24 -6.66 -40.39
N GLU A 93 -27.97 -6.49 -39.29
CA GLU A 93 -27.37 -5.99 -38.05
C GLU A 93 -26.09 -6.76 -37.65
N SER A 94 -26.11 -8.10 -37.77
CA SER A 94 -24.97 -8.95 -37.39
C SER A 94 -23.61 -8.58 -38.01
N SER A 95 -23.63 -7.85 -39.12
CA SER A 95 -22.42 -7.25 -39.70
C SER A 95 -22.01 -5.93 -39.01
N TYR A 96 -22.36 -5.74 -37.74
CA TYR A 96 -22.17 -4.45 -37.07
C TYR A 96 -21.89 -4.56 -35.56
N ILE A 97 -21.39 -3.46 -34.99
CA ILE A 97 -20.95 -3.42 -33.57
C ILE A 97 -20.90 -1.97 -33.09
N PHE A 98 -21.29 -1.75 -31.83
CA PHE A 98 -21.38 -0.39 -31.31
C PHE A 98 -20.03 0.16 -30.96
N VAL A 99 -19.95 1.48 -30.90
CA VAL A 99 -18.76 2.17 -30.38
C VAL A 99 -19.12 3.57 -29.90
N SER A 100 -18.35 4.10 -28.94
CA SER A 100 -18.57 5.44 -28.40
C SER A 100 -17.37 5.89 -27.60
N VAL A 101 -17.36 7.18 -27.26
CA VAL A 101 -16.40 7.75 -26.32
C VAL A 101 -16.75 7.40 -24.86
N THR A 102 -15.73 6.89 -24.13
CA THR A 102 -15.81 6.59 -22.67
C THR A 102 -15.41 7.80 -21.79
N GLN A 103 -15.49 7.64 -20.48
CA GLN A 103 -15.13 8.72 -19.57
C GLN A 103 -13.62 8.85 -19.39
N GLU A 104 -12.91 7.72 -19.49
CA GLU A 104 -11.43 7.72 -19.62
C GLU A 104 -10.99 8.36 -20.94
N ALA A 105 -11.90 8.39 -21.90
CA ALA A 105 -11.84 9.22 -23.12
C ALA A 105 -11.31 8.47 -24.34
N GLU A 106 -11.49 7.16 -24.37
CA GLU A 106 -11.07 6.37 -25.52
C GLU A 106 -12.29 6.00 -26.33
N ARG A 107 -12.08 5.82 -27.62
CA ARG A 107 -13.11 5.20 -28.46
C ARG A 107 -13.07 3.68 -28.29
N GLU A 108 -13.99 3.18 -27.47
CA GLU A 108 -14.03 1.77 -27.15
C GLU A 108 -15.06 1.04 -28.03
N GLU A 109 -14.60 0.15 -28.89
CA GLU A 109 -15.48 -0.73 -29.68
C GLU A 109 -16.15 -1.70 -28.71
N PHE A 110 -17.46 -1.86 -28.80
CA PHE A 110 -18.23 -2.63 -27.81
C PHE A 110 -18.53 -4.03 -28.33
N PHE A 111 -17.58 -4.94 -28.11
CA PHE A 111 -17.62 -6.30 -28.65
C PHE A 111 -18.53 -7.19 -27.88
N ASP A 112 -18.53 -7.02 -26.55
CA ASP A 112 -19.45 -7.76 -25.69
C ASP A 112 -20.78 -7.03 -25.71
N GLU A 113 -21.74 -7.60 -26.45
CA GLU A 113 -23.04 -7.00 -26.64
C GLU A 113 -23.99 -7.52 -25.57
N THR A 114 -23.51 -8.44 -24.71
CA THR A 114 -24.26 -8.80 -23.49
C THR A 114 -24.15 -7.72 -22.42
N ARG A 115 -23.24 -6.75 -22.60
CA ARG A 115 -23.06 -5.64 -21.63
C ARG A 115 -24.27 -4.74 -21.62
N ARG A 116 -24.45 -4.06 -20.49
CA ARG A 116 -25.54 -3.12 -20.29
C ARG A 116 -25.08 -1.63 -20.34
N LEU A 117 -26.01 -0.76 -20.74
CA LEU A 117 -25.76 0.67 -20.95
C LEU A 117 -25.23 1.47 -19.74
N CYS A 118 -25.74 1.17 -18.56
CA CYS A 118 -25.17 1.74 -17.31
C CYS A 118 -23.73 1.30 -17.08
N ASP A 119 -23.45 0.02 -17.37
CA ASP A 119 -22.15 -0.59 -17.17
C ASP A 119 -21.04 -0.18 -18.18
N LEU A 120 -21.35 0.71 -19.15
CA LEU A 120 -20.39 1.08 -20.24
C LEU A 120 -19.41 2.21 -19.91
N ARG A 121 -19.75 3.00 -18.91
CA ARG A 121 -18.94 4.13 -18.51
C ARG A 121 -18.81 5.09 -19.70
N LEU A 122 -19.96 5.41 -20.30
CA LEU A 122 -20.03 6.38 -21.39
C LEU A 122 -19.77 7.77 -20.85
N PHE A 123 -19.38 8.66 -21.73
CA PHE A 123 -19.13 10.02 -21.33
C PHE A 123 -20.40 10.80 -21.61
N GLN A 124 -20.94 10.63 -22.82
CA GLN A 124 -22.23 11.21 -23.20
C GLN A 124 -23.09 10.09 -23.71
N PRO A 125 -24.41 10.27 -23.62
CA PRO A 125 -25.31 9.18 -23.99
C PRO A 125 -25.46 9.02 -25.50
N PHE A 126 -24.51 8.35 -26.16
CA PHE A 126 -24.64 7.98 -27.57
C PHE A 126 -23.85 6.76 -28.04
N LEU A 127 -24.32 6.16 -29.12
CA LEU A 127 -23.71 4.98 -29.75
C LEU A 127 -23.52 5.23 -31.24
N LYS A 128 -22.49 4.59 -31.82
CA LYS A 128 -22.24 4.65 -33.25
C LYS A 128 -21.99 3.24 -33.82
N VAL A 129 -22.62 2.96 -34.95
CA VAL A 129 -22.52 1.64 -35.58
C VAL A 129 -21.28 1.66 -36.48
N ILE A 130 -20.61 0.50 -36.55
CA ILE A 130 -19.52 0.22 -37.52
C ILE A 130 -19.41 -1.29 -37.69
N GLU A 131 -18.62 -1.75 -38.67
CA GLU A 131 -18.20 -3.16 -38.74
C GLU A 131 -16.75 -3.26 -38.19
N PRO A 132 -16.36 -4.41 -37.57
CA PRO A 132 -15.06 -4.41 -36.87
C PRO A 132 -13.79 -4.48 -37.77
N VAL A 133 -13.09 -3.35 -37.82
CA VAL A 133 -11.69 -3.31 -38.27
C VAL A 133 -10.80 -3.94 -37.19
N GLY A 134 -9.54 -4.19 -37.54
CA GLY A 134 -8.61 -4.87 -36.66
C GLY A 134 -9.07 -6.31 -36.48
N ASN A 135 -9.25 -7.00 -37.60
CA ASN A 135 -9.96 -8.29 -37.70
C ASN A 135 -9.60 -9.39 -36.66
N ARG A 136 -8.45 -9.28 -36.00
CA ARG A 136 -8.19 -10.04 -34.77
C ARG A 136 -9.01 -9.42 -33.64
N GLU A 137 -10.27 -9.90 -33.53
CA GLU A 137 -11.26 -9.52 -32.51
C GLU A 137 -10.73 -9.92 -31.15
N GLU A 138 -10.34 -11.20 -31.03
CA GLU A 138 -9.67 -11.78 -29.86
C GLU A 138 -8.71 -10.82 -29.18
N LYS A 139 -7.81 -10.23 -29.96
CA LYS A 139 -6.76 -9.37 -29.41
C LYS A 139 -7.28 -8.04 -28.87
N ILE A 140 -8.44 -7.56 -29.32
CA ILE A 140 -8.97 -6.29 -28.80
C ILE A 140 -9.78 -6.54 -27.48
N LEU A 141 -9.60 -7.72 -26.86
CA LEU A 141 -9.75 -7.92 -25.42
C LEU A 141 -8.36 -7.78 -24.67
N ASN A 142 -7.79 -6.59 -24.92
CA ASN A 142 -6.98 -5.80 -24.02
C ASN A 142 -7.92 -5.01 -23.16
N ARG A 143 -9.17 -4.83 -23.63
CA ARG A 143 -10.19 -4.13 -22.87
C ARG A 143 -10.38 -4.76 -21.48
N GLU A 144 -10.32 -6.09 -21.44
CA GLU A 144 -10.35 -6.81 -20.18
C GLU A 144 -9.23 -6.38 -19.23
N ILE A 145 -8.00 -6.29 -19.73
CA ILE A 145 -6.84 -5.80 -18.96
C ILE A 145 -6.98 -4.29 -18.59
N GLY A 146 -7.36 -3.47 -19.57
CA GLY A 146 -7.69 -2.07 -19.34
C GLY A 146 -8.72 -1.83 -18.25
N PHE A 147 -9.74 -2.68 -18.20
CA PHE A 147 -10.75 -2.61 -17.13
C PHE A 147 -10.20 -3.00 -15.77
N ALA A 148 -9.56 -4.16 -15.72
CA ALA A 148 -8.88 -4.63 -14.53
C ALA A 148 -7.98 -3.53 -13.99
N ILE A 149 -7.24 -2.86 -14.86
CA ILE A 149 -6.28 -1.86 -14.43
C ILE A 149 -6.89 -0.46 -14.20
N GLY A 150 -7.96 -0.17 -14.93
CA GLY A 150 -8.61 1.14 -14.81
C GLY A 150 -7.86 2.28 -15.47
N MET A 151 -7.06 1.92 -16.46
CA MET A 151 -6.62 2.83 -17.49
C MET A 151 -6.36 1.95 -18.71
N PRO A 152 -6.61 2.47 -19.92
CA PRO A 152 -6.57 1.63 -21.12
C PRO A 152 -5.15 1.31 -21.57
N VAL A 153 -4.97 0.15 -22.21
CA VAL A 153 -3.63 -0.31 -22.57
C VAL A 153 -3.05 0.56 -23.70
N CYS A 154 -3.91 1.09 -24.56
CA CYS A 154 -3.49 2.06 -25.59
C CYS A 154 -2.84 3.31 -25.02
N GLU A 155 -3.26 3.74 -23.83
CA GLU A 155 -2.59 4.83 -23.10
C GLU A 155 -1.09 4.55 -22.83
N PHE A 156 -0.67 3.28 -22.83
CA PHE A 156 0.75 2.90 -22.81
C PHE A 156 1.42 2.87 -24.21
N ASP A 157 0.67 2.46 -25.22
CA ASP A 157 1.20 2.45 -26.60
C ASP A 157 1.61 3.85 -27.06
N MET A 158 0.91 4.87 -26.58
CA MET A 158 1.20 6.26 -26.94
C MET A 158 2.38 6.87 -26.16
N VAL A 159 2.96 6.17 -25.19
CA VAL A 159 4.06 6.75 -24.40
C VAL A 159 5.36 6.66 -25.20
N LYS A 160 6.06 7.80 -25.32
CA LYS A 160 7.25 7.93 -26.17
C LYS A 160 8.40 7.13 -25.54
N ASP A 161 8.82 7.61 -24.35
CA ASP A 161 9.90 7.07 -23.53
C ASP A 161 10.33 5.64 -23.90
N PRO A 162 11.61 5.46 -24.21
CA PRO A 162 12.07 4.10 -24.50
C PRO A 162 11.94 3.15 -23.31
N GLU A 163 12.35 3.59 -22.11
CA GLU A 163 12.32 2.73 -20.92
C GLU A 163 10.99 2.01 -20.73
N VAL A 164 9.90 2.74 -20.96
CA VAL A 164 8.55 2.24 -20.72
C VAL A 164 8.22 1.16 -21.73
N GLN A 165 8.59 1.42 -22.97
CA GLN A 165 8.34 0.47 -24.05
C GLN A 165 9.31 -0.73 -23.94
N ASP A 166 10.55 -0.44 -23.50
CA ASP A 166 11.59 -1.47 -23.26
C ASP A 166 11.23 -2.34 -22.04
N PHE A 167 10.56 -1.75 -21.05
CA PHE A 167 9.96 -2.53 -19.99
C PHE A 167 8.92 -3.47 -20.56
N ARG A 168 7.96 -2.92 -21.30
CA ARG A 168 6.83 -3.71 -21.75
C ARG A 168 7.24 -4.95 -22.54
N ARG A 169 8.26 -4.81 -23.40
CA ARG A 169 8.70 -5.90 -24.24
C ARG A 169 9.57 -6.87 -23.46
N ASN A 170 10.51 -6.34 -22.67
CA ASN A 170 11.45 -7.21 -21.95
C ASN A 170 10.92 -7.91 -20.71
N ILE A 171 9.89 -7.35 -20.09
CA ILE A 171 9.30 -7.98 -18.95
C ILE A 171 8.61 -9.26 -19.37
N LEU A 172 8.17 -9.34 -20.64
CA LEU A 172 7.55 -10.57 -21.17
C LEU A 172 8.47 -11.80 -21.14
N ASN A 173 9.79 -11.59 -21.11
CA ASN A 173 10.74 -12.66 -20.75
C ASN A 173 10.22 -13.42 -19.53
N VAL A 174 10.00 -12.67 -18.43
CA VAL A 174 9.50 -13.21 -17.15
C VAL A 174 8.14 -13.87 -17.25
N CYS A 175 7.20 -13.21 -17.94
CA CYS A 175 5.84 -13.71 -18.09
C CYS A 175 5.78 -15.03 -18.84
N LYS A 176 6.71 -15.21 -19.78
CA LYS A 176 6.86 -16.44 -20.55
C LYS A 176 7.36 -17.52 -19.61
N GLU A 177 8.56 -17.35 -19.06
CA GLU A 177 9.14 -18.35 -18.10
C GLU A 177 8.18 -18.81 -16.97
N ALA A 178 7.23 -17.95 -16.60
CA ALA A 178 6.22 -18.26 -15.60
C ALA A 178 5.18 -19.20 -16.12
N VAL A 179 4.66 -18.92 -17.31
CA VAL A 179 3.64 -19.83 -17.91
C VAL A 179 4.28 -21.17 -18.32
N ASP A 180 5.60 -21.18 -18.55
CA ASP A 180 6.37 -22.43 -18.73
C ASP A 180 6.19 -23.29 -17.49
N LEU A 181 6.59 -22.76 -16.34
CA LEU A 181 6.46 -23.48 -15.06
C LEU A 181 5.06 -23.94 -14.65
N ARG A 182 4.00 -23.40 -15.25
CA ARG A 182 2.61 -23.82 -14.96
C ARG A 182 2.18 -25.10 -15.68
N ASP A 183 2.43 -25.21 -16.99
CA ASP A 183 2.03 -26.41 -17.78
C ASP A 183 3.20 -27.40 -17.90
N LEU A 184 3.95 -27.54 -16.80
CA LEU A 184 5.14 -28.37 -16.75
C LEU A 184 4.66 -29.81 -16.55
N ASN A 185 4.06 -30.08 -15.38
CA ASN A 185 3.53 -31.41 -15.03
C ASN A 185 2.02 -31.36 -14.86
N SER A 186 1.38 -30.69 -15.83
CA SER A 186 -0.08 -30.47 -15.90
C SER A 186 -0.93 -31.79 -15.93
N PRO A 187 -2.23 -31.73 -15.62
CA PRO A 187 -2.94 -30.58 -15.08
C PRO A 187 -2.65 -30.31 -13.59
N HIS A 188 -1.99 -31.25 -12.91
CA HIS A 188 -1.63 -31.07 -11.51
C HIS A 188 -0.99 -29.72 -11.24
N SER A 189 0.05 -29.42 -12.00
CA SER A 189 0.77 -28.17 -11.89
C SER A 189 -0.12 -26.95 -12.12
N ARG A 190 -1.12 -27.06 -12.99
CA ARG A 190 -2.09 -25.98 -13.16
C ARG A 190 -2.92 -25.82 -11.88
N ALA A 191 -3.49 -26.91 -11.37
CA ALA A 191 -4.26 -26.86 -10.10
C ALA A 191 -3.46 -26.31 -8.95
N MET A 192 -2.19 -26.69 -8.92
CA MET A 192 -1.26 -26.15 -7.99
C MET A 192 -1.14 -24.59 -8.02
N TYR A 193 -1.08 -24.03 -9.23
CA TYR A 193 -1.03 -22.57 -9.43
C TYR A 193 -2.33 -22.01 -8.84
N VAL A 194 -3.44 -22.46 -9.39
CA VAL A 194 -4.76 -21.98 -9.01
C VAL A 194 -5.05 -22.18 -7.51
N TYR A 195 -4.73 -23.34 -6.95
CA TYR A 195 -5.15 -23.69 -5.57
C TYR A 195 -3.96 -24.10 -4.73
N PRO A 196 -3.01 -23.17 -4.56
CA PRO A 196 -1.81 -23.58 -3.83
C PRO A 196 -2.16 -24.02 -2.44
N PRO A 197 -1.39 -24.97 -1.90
CA PRO A 197 -1.68 -25.42 -0.57
C PRO A 197 -1.39 -24.31 0.49
N ASN A 198 -2.37 -24.08 1.39
CA ASN A 198 -2.26 -23.05 2.42
C ASN A 198 -1.68 -23.63 3.71
N VAL A 199 -0.39 -23.39 3.88
CA VAL A 199 0.45 -24.18 4.74
C VAL A 199 1.37 -23.28 5.58
N GLU A 200 1.56 -23.58 6.87
CA GLU A 200 2.50 -22.84 7.73
C GLU A 200 3.92 -23.17 7.26
N SER A 201 4.86 -22.22 7.38
CA SER A 201 6.21 -22.47 6.83
C SER A 201 7.02 -23.48 7.65
N SER A 202 6.62 -23.73 8.91
CA SER A 202 7.26 -24.74 9.79
C SER A 202 6.36 -25.97 10.01
N PRO A 203 6.91 -27.20 9.82
CA PRO A 203 6.13 -28.40 10.13
C PRO A 203 6.07 -28.71 11.62
N GLU A 204 7.13 -28.34 12.37
CA GLU A 204 7.14 -28.45 13.84
C GLU A 204 5.88 -27.85 14.45
N LEU A 205 5.22 -28.61 15.32
CA LEU A 205 3.95 -28.23 15.91
C LEU A 205 4.19 -27.72 17.34
N PRO A 206 3.93 -26.42 17.61
CA PRO A 206 4.16 -25.81 18.93
C PRO A 206 3.59 -26.59 20.10
N LYS A 207 4.26 -26.48 21.24
CA LYS A 207 4.05 -27.41 22.35
C LYS A 207 2.66 -27.35 22.98
N HIS A 208 2.10 -26.16 23.09
CA HIS A 208 0.71 -26.00 23.54
C HIS A 208 -0.36 -26.46 22.54
N ILE A 209 0.01 -26.58 21.26
CA ILE A 209 -0.88 -27.12 20.23
C ILE A 209 -0.85 -28.63 20.33
N TYR A 210 0.35 -29.19 20.52
CA TYR A 210 0.56 -30.63 20.63
C TYR A 210 -0.38 -31.22 21.69
N ASN A 211 -0.28 -30.67 22.91
CA ASN A 211 -0.98 -31.21 24.08
C ASN A 211 -2.52 -31.16 24.02
N LYS A 212 -3.05 -30.62 22.93
CA LYS A 212 -4.46 -30.80 22.58
C LYS A 212 -4.65 -32.00 21.65
N LEU A 213 -3.78 -33.03 21.71
CA LEU A 213 -3.83 -34.13 20.73
C LEU A 213 -3.82 -35.60 21.24
N ASP A 214 -3.79 -35.84 22.55
CA ASP A 214 -3.39 -37.18 23.11
C ASP A 214 -2.25 -37.87 22.31
N LYS A 215 -1.05 -37.32 22.52
CA LYS A 215 0.19 -37.80 21.92
C LYS A 215 0.07 -37.95 20.41
N GLY A 216 -0.18 -36.82 19.75
CA GLY A 216 -0.10 -36.70 18.30
C GLY A 216 -1.25 -37.24 17.44
N GLN A 217 -2.49 -37.18 17.95
CA GLN A 217 -3.64 -37.62 17.15
C GLN A 217 -4.80 -36.63 17.06
N ILE A 218 -5.28 -36.45 15.84
CA ILE A 218 -6.45 -35.63 15.55
C ILE A 218 -7.57 -36.60 15.25
N ILE A 219 -8.79 -36.11 15.31
CA ILE A 219 -9.93 -36.80 14.74
C ILE A 219 -10.38 -35.88 13.63
N VAL A 220 -10.56 -36.46 12.44
CA VAL A 220 -10.85 -35.75 11.17
C VAL A 220 -12.26 -36.18 10.76
N VAL A 221 -12.77 -35.77 9.62
CA VAL A 221 -14.06 -36.27 9.09
C VAL A 221 -14.08 -36.20 7.60
N ILE A 222 -13.81 -37.31 6.91
CA ILE A 222 -13.89 -37.26 5.43
C ILE A 222 -15.35 -37.29 4.99
N TRP A 223 -15.67 -36.63 3.88
CA TRP A 223 -17.03 -36.63 3.31
C TRP A 223 -16.97 -37.10 1.86
N VAL A 224 -18.11 -37.57 1.36
CA VAL A 224 -18.19 -38.17 0.04
C VAL A 224 -19.54 -37.84 -0.58
N ILE A 225 -19.64 -37.99 -1.89
CA ILE A 225 -20.92 -37.94 -2.63
C ILE A 225 -20.94 -39.06 -3.72
N VAL A 226 -22.07 -39.78 -3.88
CA VAL A 226 -22.22 -40.85 -4.93
C VAL A 226 -23.27 -40.50 -6.03
N SER A 227 -24.52 -40.22 -5.65
CA SER A 227 -25.58 -39.78 -6.62
C SER A 227 -26.82 -39.09 -5.94
N PRO A 228 -27.60 -38.25 -6.67
CA PRO A 228 -27.28 -37.69 -7.99
C PRO A 228 -26.13 -36.70 -7.87
N ASN A 229 -26.35 -35.65 -7.10
CA ASN A 229 -25.31 -35.07 -6.24
C ASN A 229 -25.76 -35.16 -4.78
N ASN A 230 -27.00 -35.63 -4.54
CA ASN A 230 -27.72 -35.38 -3.29
C ASN A 230 -26.94 -35.77 -2.02
N ASP A 231 -27.01 -37.02 -1.58
CA ASP A 231 -26.55 -37.34 -0.22
C ASP A 231 -25.03 -37.40 -0.11
N LYS A 232 -24.55 -37.22 1.12
CA LYS A 232 -23.13 -37.23 1.47
C LYS A 232 -22.95 -38.18 2.66
N GLN A 233 -21.70 -38.47 3.04
CA GLN A 233 -21.43 -39.47 4.10
C GLN A 233 -20.13 -39.30 4.86
N LYS A 234 -20.24 -39.34 6.19
CA LYS A 234 -19.17 -38.90 7.09
C LYS A 234 -18.29 -40.05 7.59
N TYR A 235 -17.13 -40.24 6.99
CA TYR A 235 -16.17 -41.25 7.50
C TYR A 235 -15.11 -40.68 8.47
N THR A 236 -15.47 -40.68 9.75
CA THR A 236 -14.79 -39.98 10.82
C THR A 236 -13.52 -40.71 11.31
N LEU A 237 -12.36 -40.37 10.76
CA LEU A 237 -11.11 -41.09 11.12
C LEU A 237 -10.51 -40.61 12.44
N LYS A 238 -9.43 -41.23 12.87
CA LYS A 238 -8.62 -40.69 13.95
C LYS A 238 -7.16 -40.99 13.64
N ILE A 239 -6.56 -40.13 12.84
CA ILE A 239 -5.24 -40.44 12.25
C ILE A 239 -4.14 -39.61 12.91
N ASN A 240 -2.90 -39.83 12.52
CA ASN A 240 -1.78 -39.05 13.08
C ASN A 240 -1.70 -37.63 12.53
N HIS A 241 -1.58 -36.67 13.45
CA HIS A 241 -1.44 -35.26 13.09
C HIS A 241 -0.47 -35.14 11.92
N ASP A 242 0.68 -35.80 12.02
CA ASP A 242 1.73 -35.73 10.99
C ASP A 242 1.66 -36.88 9.98
N CYS A 243 0.45 -37.17 9.50
CA CYS A 243 0.29 -37.96 8.29
C CYS A 243 -0.24 -37.03 7.17
N VAL A 244 -0.06 -37.48 5.93
CA VAL A 244 -0.28 -36.65 4.72
C VAL A 244 -1.65 -36.89 4.04
N PRO A 245 -2.03 -36.06 3.06
CA PRO A 245 -3.32 -36.22 2.37
C PRO A 245 -3.52 -37.60 1.75
N GLU A 246 -2.50 -38.08 1.03
CA GLU A 246 -2.50 -39.43 0.43
C GLU A 246 -2.97 -40.47 1.45
N GLN A 247 -2.20 -40.64 2.54
CA GLN A 247 -2.52 -41.58 3.63
C GLN A 247 -3.96 -41.43 4.11
N VAL A 248 -4.33 -40.19 4.40
CA VAL A 248 -5.69 -39.87 4.85
C VAL A 248 -6.74 -40.23 3.82
N ILE A 249 -6.43 -40.05 2.52
CA ILE A 249 -7.37 -40.42 1.45
C ILE A 249 -7.63 -41.94 1.43
N ALA A 250 -6.54 -42.71 1.62
CA ALA A 250 -6.61 -44.16 1.77
C ALA A 250 -7.54 -44.54 2.93
N GLU A 251 -7.14 -44.22 4.17
CA GLU A 251 -7.93 -44.62 5.37
C GLU A 251 -9.44 -44.35 5.22
N ALA A 252 -9.76 -43.25 4.56
CA ALA A 252 -11.14 -42.95 4.23
C ALA A 252 -11.71 -43.98 3.31
N ILE A 253 -10.93 -44.36 2.30
CA ILE A 253 -11.40 -45.29 1.27
C ILE A 253 -11.45 -46.72 1.78
N ARG A 254 -10.48 -47.08 2.63
CA ARG A 254 -10.57 -48.30 3.43
C ARG A 254 -11.94 -48.33 4.06
N LYS A 255 -12.20 -47.39 4.97
CA LYS A 255 -13.42 -47.45 5.76
C LYS A 255 -14.73 -47.37 4.95
N LYS A 256 -14.73 -46.69 3.81
CA LYS A 256 -15.91 -46.67 2.93
C LYS A 256 -16.21 -48.07 2.39
N THR A 257 -15.14 -48.79 2.02
CA THR A 257 -15.23 -50.08 1.32
C THR A 257 -14.56 -51.23 2.08
N ARG A 258 -14.78 -51.35 3.40
CA ARG A 258 -14.60 -52.63 4.11
C ARG A 258 -15.92 -53.36 3.88
N SER A 259 -15.90 -54.68 4.03
CA SER A 259 -17.13 -55.50 3.93
C SER A 259 -16.93 -56.93 4.35
N MET A 260 -18.04 -57.60 4.68
CA MET A 260 -18.07 -59.05 4.85
C MET A 260 -17.97 -59.80 3.52
N LEU A 261 -18.13 -59.10 2.40
CA LEU A 261 -17.93 -59.68 1.10
C LEU A 261 -16.58 -59.29 0.53
N LEU A 262 -15.52 -59.30 1.34
CA LEU A 262 -14.22 -58.79 0.91
C LEU A 262 -13.09 -59.21 1.82
N SER A 263 -12.12 -59.94 1.29
CA SER A 263 -10.97 -60.34 2.13
C SER A 263 -10.14 -59.14 2.46
N SER A 264 -9.20 -59.33 3.37
CA SER A 264 -8.26 -58.27 3.70
C SER A 264 -7.46 -57.92 2.44
N GLU A 265 -6.77 -58.89 1.87
CA GLU A 265 -5.98 -58.66 0.65
C GLU A 265 -6.86 -58.14 -0.52
N GLN A 266 -8.14 -58.52 -0.58
CA GLN A 266 -9.04 -57.95 -1.60
C GLN A 266 -9.29 -56.47 -1.41
N LEU A 267 -9.23 -56.01 -0.15
CA LEU A 267 -9.35 -54.59 0.19
C LEU A 267 -8.16 -53.85 -0.39
N LYS A 268 -6.95 -54.28 0.01
CA LYS A 268 -5.67 -53.69 -0.44
C LYS A 268 -5.59 -53.31 -1.93
N LEU A 269 -6.13 -54.17 -2.79
CA LEU A 269 -6.21 -53.88 -4.23
C LEU A 269 -7.28 -52.82 -4.54
N CYS A 270 -8.48 -52.97 -3.98
CA CYS A 270 -9.55 -52.00 -4.19
C CYS A 270 -9.27 -50.64 -3.56
N VAL A 271 -8.28 -50.57 -2.66
CA VAL A 271 -7.74 -49.29 -2.18
C VAL A 271 -6.79 -48.72 -3.24
N LEU A 272 -5.69 -49.40 -3.50
CA LEU A 272 -4.71 -48.91 -4.47
C LEU A 272 -5.35 -48.24 -5.73
N GLU A 273 -6.22 -48.97 -6.43
CA GLU A 273 -6.87 -48.48 -7.66
C GLU A 273 -7.76 -47.24 -7.48
N TYR A 274 -8.34 -47.11 -6.28
CA TYR A 274 -9.13 -45.92 -5.91
C TYR A 274 -8.29 -44.76 -5.30
N GLN A 275 -7.20 -45.09 -4.60
CA GLN A 275 -6.50 -44.15 -3.69
C GLN A 275 -6.31 -42.79 -4.30
N GLY A 276 -5.55 -42.74 -5.40
CA GLY A 276 -5.20 -41.48 -6.06
C GLY A 276 -6.10 -41.21 -7.25
N LYS A 277 -7.40 -41.35 -7.06
CA LYS A 277 -8.37 -40.77 -7.96
C LYS A 277 -9.06 -39.60 -7.27
N TYR A 278 -8.62 -39.31 -6.05
CA TYR A 278 -9.30 -38.36 -5.21
C TYR A 278 -8.27 -37.40 -4.65
N ILE A 279 -8.75 -36.18 -4.33
CA ILE A 279 -7.98 -35.19 -3.56
C ILE A 279 -8.84 -34.55 -2.49
N LEU A 280 -8.15 -34.04 -1.47
CA LEU A 280 -8.80 -33.49 -0.31
C LEU A 280 -9.19 -32.02 -0.49
N LYS A 281 -10.50 -31.76 -0.53
CA LYS A 281 -11.03 -30.39 -0.44
C LYS A 281 -11.15 -30.01 1.05
N VAL A 282 -11.40 -28.73 1.34
CA VAL A 282 -11.99 -28.33 2.61
C VAL A 282 -13.47 -28.02 2.33
N CYS A 283 -14.33 -28.53 3.20
CA CYS A 283 -15.76 -28.27 3.11
C CYS A 283 -16.00 -26.76 3.33
N GLY A 284 -16.65 -26.10 2.36
CA GLY A 284 -17.05 -24.67 2.48
C GLY A 284 -16.24 -23.58 1.75
N CYS A 285 -15.07 -23.95 1.27
CA CYS A 285 -14.20 -22.98 0.65
C CYS A 285 -13.21 -23.67 -0.26
N ASP A 286 -12.72 -22.95 -1.24
CA ASP A 286 -11.85 -23.53 -2.25
C ASP A 286 -10.39 -23.48 -1.80
N GLU A 287 -10.13 -24.19 -0.71
CA GLU A 287 -8.80 -24.57 -0.30
C GLU A 287 -8.70 -26.06 -0.64
N TYR A 288 -7.53 -26.55 -1.06
CA TYR A 288 -7.34 -27.99 -1.31
C TYR A 288 -5.98 -28.44 -0.84
N PHE A 289 -5.91 -29.68 -0.36
CA PHE A 289 -4.66 -30.25 0.19
C PHE A 289 -4.02 -31.05 -0.91
N LEU A 290 -3.09 -30.44 -1.63
CA LEU A 290 -2.62 -31.02 -2.87
C LEU A 290 -1.15 -31.47 -2.89
N GLU A 291 -0.42 -31.38 -1.77
CA GLU A 291 0.90 -32.03 -1.72
C GLU A 291 1.39 -32.50 -0.35
N LYS A 292 2.51 -33.26 -0.39
CA LYS A 292 3.18 -33.84 0.79
C LYS A 292 3.40 -32.81 1.87
N TYR A 293 2.46 -32.75 2.80
CA TYR A 293 2.61 -31.95 3.98
C TYR A 293 1.86 -32.65 5.09
N PRO A 294 2.49 -32.75 6.25
CA PRO A 294 1.77 -33.12 7.46
C PRO A 294 0.50 -32.30 7.67
N LEU A 295 -0.66 -32.93 7.75
CA LEU A 295 -1.94 -32.21 7.94
C LEU A 295 -1.90 -31.06 8.95
N SER A 296 -1.15 -31.22 10.04
CA SER A 296 -0.89 -30.12 11.00
C SER A 296 -0.46 -28.82 10.34
N GLN A 297 0.56 -28.94 9.48
CA GLN A 297 1.11 -27.84 8.69
C GLN A 297 0.08 -27.07 7.80
N TYR A 298 -0.93 -27.73 7.22
CA TYR A 298 -2.00 -26.99 6.52
C TYR A 298 -2.77 -26.12 7.50
N LYS A 299 -3.00 -24.86 7.14
CA LYS A 299 -3.52 -23.91 8.12
C LYS A 299 -4.88 -24.32 8.65
N TYR A 300 -5.78 -24.74 7.76
CA TYR A 300 -7.14 -25.10 8.20
C TYR A 300 -7.18 -26.06 9.37
N ILE A 301 -6.26 -27.02 9.34
CA ILE A 301 -6.19 -28.05 10.35
C ILE A 301 -5.78 -27.34 11.62
N ARG A 302 -4.61 -26.70 11.56
CA ARG A 302 -4.02 -26.09 12.73
C ARG A 302 -4.94 -25.07 13.44
N SER A 303 -5.86 -24.44 12.70
CA SER A 303 -6.95 -23.65 13.30
C SER A 303 -7.96 -24.56 14.04
N CYS A 304 -8.35 -25.66 13.39
CA CYS A 304 -9.34 -26.59 13.93
C CYS A 304 -8.89 -27.20 15.26
N ILE A 305 -7.59 -27.51 15.35
CA ILE A 305 -7.01 -27.94 16.62
C ILE A 305 -7.26 -26.83 17.66
N MET A 306 -6.68 -25.65 17.39
CA MET A 306 -6.71 -24.51 18.31
C MET A 306 -8.12 -24.16 18.76
N LEU A 307 -9.09 -24.24 17.85
CA LEU A 307 -10.46 -23.80 18.12
C LEU A 307 -11.37 -24.88 18.73
N GLY A 308 -10.80 -26.07 18.99
CA GLY A 308 -11.57 -27.21 19.50
C GLY A 308 -12.56 -27.70 18.46
N ARG A 309 -12.04 -27.88 17.24
CA ARG A 309 -12.87 -28.21 16.08
C ARG A 309 -12.39 -29.48 15.40
N MET A 310 -13.36 -30.15 14.79
CA MET A 310 -13.08 -31.36 14.05
C MET A 310 -13.06 -30.96 12.58
N PRO A 311 -11.91 -31.17 11.89
CA PRO A 311 -11.80 -30.94 10.46
C PRO A 311 -12.99 -31.48 9.68
N ASN A 312 -13.37 -30.79 8.61
CA ASN A 312 -14.31 -31.35 7.63
C ASN A 312 -13.68 -31.18 6.26
N LEU A 313 -13.07 -32.28 5.82
CA LEU A 313 -12.42 -32.35 4.53
C LEU A 313 -13.45 -32.98 3.59
N MET A 314 -13.02 -33.36 2.40
CA MET A 314 -13.91 -33.93 1.41
C MET A 314 -13.06 -34.70 0.38
N LEU A 315 -13.58 -35.84 -0.08
CA LEU A 315 -12.95 -36.54 -1.19
C LEU A 315 -13.61 -36.01 -2.43
N MET A 316 -12.80 -35.34 -3.22
CA MET A 316 -13.20 -34.84 -4.51
C MET A 316 -12.40 -35.59 -5.57
N ALA A 317 -13.10 -35.98 -6.64
CA ALA A 317 -12.52 -36.71 -7.75
C ALA A 317 -11.60 -35.80 -8.56
N LYS A 318 -10.31 -36.12 -8.60
CA LYS A 318 -9.35 -35.35 -9.40
C LYS A 318 -9.87 -34.87 -10.75
N GLU A 319 -10.63 -35.70 -11.45
CA GLU A 319 -11.17 -35.31 -12.75
C GLU A 319 -12.38 -34.38 -12.64
N SER A 320 -13.09 -34.37 -11.52
CA SER A 320 -14.12 -33.33 -11.30
C SER A 320 -13.52 -31.96 -10.93
N LEU A 321 -12.25 -31.95 -10.53
CA LEU A 321 -11.49 -30.72 -10.30
C LEU A 321 -10.77 -30.31 -11.58
N TYR A 322 -10.00 -31.22 -12.16
CA TYR A 322 -9.32 -30.94 -13.43
C TYR A 322 -10.36 -30.61 -14.51
N SER A 323 -11.61 -31.05 -14.30
CA SER A 323 -12.79 -30.54 -15.02
C SER A 323 -12.78 -29.02 -15.10
N GLN A 324 -12.77 -28.37 -13.93
CA GLN A 324 -12.96 -26.91 -13.78
C GLN A 324 -11.84 -25.99 -14.30
N LEU A 325 -10.57 -26.41 -14.18
CA LEU A 325 -9.45 -25.53 -14.54
C LEU A 325 -9.33 -25.30 -16.05
N PRO A 326 -9.53 -24.06 -16.53
CA PRO A 326 -9.43 -23.75 -17.97
C PRO A 326 -7.98 -23.48 -18.37
N MET A 327 -7.65 -23.67 -19.65
CA MET A 327 -6.25 -23.50 -20.10
C MET A 327 -5.96 -22.02 -20.27
N ASP A 328 -4.86 -21.61 -19.65
CA ASP A 328 -4.49 -20.19 -19.48
C ASP A 328 -4.37 -19.43 -20.79
N CYS A 329 -3.81 -20.09 -21.81
CA CYS A 329 -3.76 -19.55 -23.18
C CYS A 329 -3.01 -18.21 -23.25
N PHE A 330 -1.74 -18.23 -22.81
CA PHE A 330 -0.91 -17.02 -22.84
C PHE A 330 -0.44 -16.65 -24.24
N THR A 331 -0.70 -15.41 -24.65
CA THR A 331 -0.37 -14.91 -25.98
C THR A 331 0.61 -13.74 -25.87
N MET A 332 1.61 -13.75 -26.75
CA MET A 332 2.50 -12.60 -26.92
C MET A 332 1.77 -11.43 -27.60
N PRO A 333 1.99 -10.22 -27.09
CA PRO A 333 1.28 -9.06 -27.65
C PRO A 333 1.86 -8.51 -28.96
N SER A 334 1.17 -7.50 -29.49
CA SER A 334 1.55 -6.86 -30.75
C SER A 334 2.88 -6.15 -30.62
N TYR A 335 3.16 -5.61 -29.44
CA TYR A 335 4.48 -5.04 -29.12
C TYR A 335 5.55 -6.17 -28.98
N SER A 336 5.71 -6.97 -30.06
CA SER A 336 6.41 -8.28 -30.08
C SER A 336 6.64 -8.96 -28.72
N SER A 351 29.63 3.57 -30.08
CA SER A 351 30.61 3.19 -29.07
C SER A 351 30.45 4.05 -27.82
N THR A 352 30.69 3.43 -26.67
CA THR A 352 30.50 4.08 -25.37
C THR A 352 31.77 4.90 -24.98
N LYS A 353 31.74 5.56 -23.82
CA LYS A 353 32.95 6.16 -23.21
C LYS A 353 32.90 6.14 -21.66
N SER A 354 33.72 5.27 -21.02
CA SER A 354 33.71 5.07 -19.52
C SER A 354 33.72 6.37 -18.70
N LEU A 355 32.84 6.44 -17.70
CA LEU A 355 32.78 7.55 -16.76
C LEU A 355 34.15 7.83 -16.17
N TRP A 356 34.95 6.79 -16.02
CA TRP A 356 36.23 6.93 -15.35
C TRP A 356 37.29 7.70 -16.18
N VAL A 357 37.10 7.81 -17.49
CA VAL A 357 37.90 8.69 -18.33
C VAL A 357 37.62 10.15 -17.96
N ILE A 358 36.36 10.51 -17.78
CA ILE A 358 35.95 11.92 -17.66
C ILE A 358 36.72 12.62 -16.53
N ASN A 359 37.55 13.60 -16.87
CA ASN A 359 38.24 14.36 -15.86
C ASN A 359 37.62 15.73 -15.69
N SER A 360 36.68 15.84 -14.75
CA SER A 360 36.26 17.14 -14.20
C SER A 360 35.41 16.96 -12.95
N ALA A 361 35.12 18.07 -12.27
CA ALA A 361 34.11 18.09 -11.22
C ALA A 361 32.73 18.19 -11.87
N LEU A 362 31.70 17.86 -11.10
CA LEU A 362 30.34 17.97 -11.60
C LEU A 362 29.88 19.42 -11.56
N ARG A 363 29.27 19.84 -12.65
CA ARG A 363 28.55 21.09 -12.65
C ARG A 363 27.29 20.99 -13.48
N ILE A 364 26.33 21.83 -13.10
CA ILE A 364 24.97 21.75 -13.57
C ILE A 364 24.44 23.17 -13.69
N LYS A 365 23.98 23.53 -14.89
CA LYS A 365 23.41 24.88 -15.16
C LYS A 365 21.94 24.89 -14.74
N ILE A 366 21.53 25.90 -13.95
CA ILE A 366 20.17 25.91 -13.42
C ILE A 366 19.13 26.49 -14.39
N LEU A 367 19.28 27.73 -14.87
CA LEU A 367 18.19 28.42 -15.65
C LEU A 367 16.88 28.71 -14.81
N CYS A 368 15.69 28.43 -15.35
CA CYS A 368 14.49 29.18 -14.95
C CYS A 368 13.23 28.34 -14.67
N ALA A 369 12.67 28.51 -13.47
CA ALA A 369 11.29 28.08 -13.19
C ALA A 369 10.35 29.14 -13.73
N THR A 370 9.07 28.79 -13.90
CA THR A 370 8.07 29.69 -14.51
C THR A 370 6.79 29.91 -13.67
N TYR A 371 6.23 28.85 -13.10
CA TYR A 371 4.83 28.85 -12.63
C TYR A 371 4.73 29.14 -11.12
N VAL A 372 5.64 29.94 -10.59
CA VAL A 372 5.91 29.92 -9.15
C VAL A 372 4.92 30.79 -8.34
N ASN A 373 3.96 30.13 -7.66
CA ASN A 373 2.80 30.80 -7.03
C ASN A 373 3.07 31.25 -5.59
N VAL A 374 3.61 32.47 -5.43
CA VAL A 374 3.98 33.01 -4.10
C VAL A 374 3.62 34.49 -3.99
N ASN A 375 3.22 34.91 -2.78
CA ASN A 375 2.99 36.34 -2.47
C ASN A 375 4.31 37.12 -2.46
N ILE A 376 4.32 38.22 -3.20
CA ILE A 376 5.45 39.14 -3.19
C ILE A 376 5.34 40.04 -1.93
N ARG A 377 4.13 40.16 -1.37
CA ARG A 377 3.89 40.90 -0.12
C ARG A 377 4.47 40.18 1.10
N ASP A 378 3.92 38.99 1.38
CA ASP A 378 4.29 38.22 2.57
C ASP A 378 5.76 37.74 2.51
N ILE A 379 6.15 37.16 1.38
CA ILE A 379 7.48 36.50 1.25
C ILE A 379 8.54 37.44 0.64
N ASP A 380 9.76 37.35 1.18
CA ASP A 380 10.90 38.19 0.78
C ASP A 380 11.46 37.78 -0.60
N LYS A 381 12.29 36.73 -0.64
CA LYS A 381 13.07 36.33 -1.83
C LYS A 381 13.29 34.81 -1.91
N ILE A 382 13.53 34.29 -3.13
CA ILE A 382 13.54 32.82 -3.41
C ILE A 382 14.70 32.29 -4.29
N TYR A 383 15.16 31.05 -3.97
CA TYR A 383 16.33 30.40 -4.61
C TYR A 383 16.09 28.91 -4.86
N VAL A 384 17.00 28.26 -5.60
CA VAL A 384 16.94 26.80 -5.90
C VAL A 384 18.01 25.99 -5.16
N ARG A 385 17.71 25.51 -3.96
CA ARG A 385 18.66 24.63 -3.26
C ARG A 385 18.83 23.35 -4.08
N THR A 386 20.08 22.88 -4.23
CA THR A 386 20.38 21.60 -4.91
C THR A 386 21.37 20.75 -4.12
N GLY A 387 21.49 19.50 -4.55
CA GLY A 387 22.38 18.52 -3.91
C GLY A 387 22.52 17.27 -4.73
N ILE A 388 23.56 16.50 -4.43
CA ILE A 388 23.72 15.18 -5.02
C ILE A 388 23.51 14.21 -3.87
N TYR A 389 22.87 13.08 -4.17
CA TYR A 389 22.48 12.11 -3.14
C TYR A 389 22.64 10.66 -3.58
N HIS A 390 22.66 9.80 -2.55
CA HIS A 390 22.69 8.32 -2.63
C HIS A 390 21.83 7.70 -1.47
N GLY A 391 20.56 8.11 -1.30
CA GLY A 391 19.85 8.03 0.00
C GLY A 391 20.24 9.22 0.91
N GLY A 392 21.35 9.09 1.65
CA GLY A 392 22.14 10.24 2.23
C GLY A 392 23.31 10.70 1.34
N GLU A 393 23.72 11.98 1.46
CA GLU A 393 24.42 12.80 0.39
C GLU A 393 25.99 12.80 0.32
N PRO A 394 26.61 12.73 -0.90
CA PRO A 394 28.10 12.68 -1.00
C PRO A 394 28.88 14.00 -1.27
N LEU A 395 28.32 15.17 -0.93
CA LEU A 395 29.05 16.48 -0.98
C LEU A 395 28.44 17.58 -0.08
N CYS A 396 29.01 18.78 -0.10
CA CYS A 396 28.41 19.89 0.65
C CYS A 396 27.24 20.42 -0.16
N ASP A 397 26.15 20.72 0.51
CA ASP A 397 24.96 21.15 -0.20
C ASP A 397 25.05 22.63 -0.49
N ASN A 398 24.64 23.00 -1.71
CA ASN A 398 24.82 24.34 -2.28
C ASN A 398 23.50 24.92 -2.77
N VAL A 399 23.55 26.20 -3.13
CA VAL A 399 22.36 26.94 -3.56
C VAL A 399 22.78 27.86 -4.71
N ASN A 400 21.86 28.71 -5.13
CA ASN A 400 22.20 29.89 -5.94
C ASN A 400 21.72 31.15 -5.19
N THR A 401 22.16 32.31 -5.64
CA THR A 401 21.75 33.59 -5.01
C THR A 401 20.25 33.80 -5.25
N GLN A 402 19.64 34.65 -4.42
CA GLN A 402 18.17 34.80 -4.36
C GLN A 402 17.58 35.72 -5.44
N ARG A 403 17.69 35.28 -6.70
CA ARG A 403 17.51 36.13 -7.89
C ARG A 403 16.09 36.21 -8.48
N VAL A 404 15.86 37.36 -9.13
CA VAL A 404 14.53 37.90 -9.54
C VAL A 404 13.41 37.45 -8.59
N PRO A 405 13.60 37.75 -7.28
CA PRO A 405 12.84 37.12 -6.20
C PRO A 405 11.36 37.39 -6.30
N CYS A 406 10.57 36.34 -6.12
CA CYS A 406 9.15 36.36 -6.41
C CYS A 406 8.93 36.66 -7.93
N SER A 407 8.62 37.90 -8.33
CA SER A 407 8.15 38.18 -9.71
C SER A 407 9.12 37.68 -10.79
N ASN A 408 8.58 36.89 -11.73
CA ASN A 408 9.33 36.24 -12.83
C ASN A 408 10.74 35.71 -12.44
N PRO A 409 10.79 34.61 -11.64
CA PRO A 409 12.06 34.09 -11.08
C PRO A 409 12.91 33.32 -12.10
N ARG A 410 14.06 33.89 -12.45
CA ARG A 410 14.97 33.31 -13.43
C ARG A 410 16.39 33.50 -12.91
N TRP A 411 17.15 32.41 -12.87
CA TRP A 411 18.60 32.43 -12.63
C TRP A 411 19.16 32.03 -13.98
N ASN A 412 20.49 32.01 -14.11
CA ASN A 412 21.14 31.31 -15.23
C ASN A 412 22.54 30.88 -14.85
N GLU A 413 22.66 30.45 -13.60
CA GLU A 413 23.95 30.10 -13.00
C GLU A 413 24.45 28.70 -13.44
N TRP A 414 25.66 28.35 -13.00
CA TRP A 414 26.24 27.00 -13.09
C TRP A 414 26.64 26.56 -11.68
N LEU A 415 25.83 25.71 -11.06
CA LEU A 415 26.18 25.18 -9.75
C LEU A 415 27.38 24.22 -9.93
N ASN A 416 28.44 24.46 -9.13
CA ASN A 416 29.69 23.65 -9.15
C ASN A 416 29.78 22.71 -7.94
N TYR A 417 29.74 21.40 -8.21
CA TYR A 417 29.64 20.35 -7.17
C TYR A 417 31.00 19.70 -6.95
N ASP A 418 31.50 19.72 -5.70
CA ASP A 418 32.90 19.32 -5.41
C ASP A 418 33.10 17.81 -5.19
N ILE A 419 32.62 17.05 -6.16
CA ILE A 419 32.82 15.61 -6.29
C ILE A 419 33.34 15.44 -7.70
N TYR A 420 34.36 14.61 -7.87
CA TYR A 420 34.91 14.41 -9.21
C TYR A 420 33.98 13.40 -9.92
N ILE A 421 33.84 13.59 -11.22
CA ILE A 421 32.89 12.81 -12.02
C ILE A 421 33.18 11.31 -12.10
N PRO A 422 34.44 10.89 -11.96
CA PRO A 422 34.62 9.42 -11.84
C PRO A 422 34.10 8.86 -10.49
N ASP A 423 34.09 9.72 -9.46
CA ASP A 423 33.62 9.35 -8.12
C ASP A 423 32.07 9.39 -7.95
N LEU A 424 31.31 9.17 -9.02
CA LEU A 424 29.86 8.99 -8.89
C LEU A 424 29.58 7.50 -8.76
N PRO A 425 28.69 7.15 -7.81
CA PRO A 425 28.21 5.78 -7.74
C PRO A 425 27.08 5.62 -8.74
N ARG A 426 26.81 4.38 -9.12
CA ARG A 426 25.78 4.06 -10.13
C ARG A 426 24.42 4.69 -9.81
N ALA A 427 24.09 4.65 -8.53
CA ALA A 427 22.76 5.02 -8.07
C ALA A 427 22.50 6.50 -7.96
N ALA A 428 23.55 7.33 -8.00
CA ALA A 428 23.44 8.70 -7.55
C ALA A 428 22.43 9.50 -8.36
N ARG A 429 21.85 10.49 -7.67
CA ARG A 429 20.84 11.38 -8.24
C ARG A 429 20.95 12.81 -7.64
N LEU A 430 20.70 13.79 -8.51
CA LEU A 430 20.50 15.19 -8.12
C LEU A 430 19.16 15.36 -7.43
N CYS A 431 19.14 15.97 -6.26
CA CYS A 431 17.90 16.41 -5.62
C CYS A 431 17.89 17.92 -5.59
N LEU A 432 16.75 18.52 -5.88
CA LEU A 432 16.64 19.97 -5.86
C LEU A 432 15.30 20.43 -5.31
N SER A 433 15.26 21.72 -4.95
CA SER A 433 14.06 22.38 -4.42
C SER A 433 14.16 23.91 -4.47
N ILE A 434 13.04 24.54 -4.79
CA ILE A 434 12.90 25.99 -4.78
C ILE A 434 12.44 26.40 -3.37
N CYS A 435 13.23 27.22 -2.68
CA CYS A 435 12.93 27.65 -1.30
C CYS A 435 12.69 29.18 -1.20
N SER A 436 12.21 29.66 -0.05
CA SER A 436 11.89 31.08 0.19
C SER A 436 12.73 31.69 1.33
N VAL A 437 12.38 32.91 1.78
CA VAL A 437 12.92 33.49 3.03
C VAL A 437 11.81 34.10 3.90
N HIS A 447 12.84 31.12 6.06
CA HIS A 447 13.12 30.42 4.80
C HIS A 447 12.64 28.97 4.75
N CYS A 448 11.74 28.67 3.80
CA CYS A 448 11.06 27.37 3.75
C CYS A 448 10.66 26.98 2.31
N PRO A 449 10.58 25.66 2.02
CA PRO A 449 10.60 25.14 0.65
C PRO A 449 9.28 25.28 -0.07
N LEU A 450 9.33 25.59 -1.37
CA LEU A 450 8.12 25.76 -2.19
C LEU A 450 7.77 24.48 -2.97
N ALA A 451 8.72 24.01 -3.77
CA ALA A 451 8.51 22.84 -4.63
C ALA A 451 9.82 22.06 -4.82
N TRP A 452 9.73 20.76 -5.13
CA TRP A 452 10.90 19.87 -5.24
C TRP A 452 10.80 18.98 -6.47
N GLY A 453 11.92 18.42 -6.89
CA GLY A 453 11.97 17.42 -7.97
C GLY A 453 13.33 16.75 -7.96
N ASN A 454 13.40 15.44 -8.21
CA ASN A 454 14.70 14.71 -8.22
C ASN A 454 14.97 13.99 -9.55
N ILE A 455 16.23 13.97 -10.03
CA ILE A 455 16.59 13.23 -11.27
C ILE A 455 17.74 12.24 -11.09
N ASN A 456 17.58 11.05 -11.68
CA ASN A 456 18.62 10.01 -11.72
C ASN A 456 19.78 10.47 -12.57
N LEU A 457 20.99 10.43 -12.03
CA LEU A 457 22.16 11.00 -12.73
C LEU A 457 22.61 10.13 -13.86
N PHE A 458 22.28 8.84 -13.77
CA PHE A 458 22.46 7.94 -14.88
C PHE A 458 21.08 7.57 -15.30
N ASP A 459 20.86 7.46 -16.61
CA ASP A 459 19.60 6.89 -17.09
C ASP A 459 19.62 5.37 -16.83
N TYR A 460 18.61 4.67 -17.32
CA TYR A 460 18.50 3.23 -17.10
C TYR A 460 19.42 2.42 -17.99
N THR A 461 19.90 3.01 -19.08
CA THR A 461 20.88 2.39 -19.98
C THR A 461 22.36 2.52 -19.50
N ASP A 462 22.55 3.08 -18.29
CA ASP A 462 23.86 3.28 -17.59
C ASP A 462 24.58 4.60 -17.94
N THR A 463 23.85 5.55 -18.49
CA THR A 463 24.44 6.63 -19.24
C THR A 463 24.32 7.92 -18.44
N LEU A 464 25.46 8.54 -18.12
CA LEU A 464 25.49 9.84 -17.43
C LEU A 464 24.61 10.85 -18.17
N VAL A 465 23.87 11.63 -17.41
CA VAL A 465 22.85 12.48 -17.99
C VAL A 465 23.53 13.78 -18.43
N SER A 466 23.28 14.17 -19.68
CA SER A 466 24.01 15.24 -20.36
C SER A 466 23.15 15.96 -21.40
N GLY A 467 23.02 17.27 -21.25
CA GLY A 467 22.16 18.04 -22.14
C GLY A 467 21.23 18.88 -21.30
N LYS A 468 20.05 19.18 -21.86
CA LYS A 468 19.02 19.96 -21.19
C LYS A 468 17.81 19.10 -20.78
N MET A 469 17.24 19.40 -19.61
CA MET A 469 16.10 18.66 -19.07
C MET A 469 14.97 19.62 -18.71
N ALA A 470 13.74 19.10 -18.76
CA ALA A 470 12.52 19.83 -18.38
C ALA A 470 11.85 19.14 -17.18
N LEU A 471 12.15 19.60 -15.97
CA LEU A 471 11.67 18.96 -14.74
C LEU A 471 10.51 19.70 -14.05
N ASN A 472 9.33 19.09 -14.07
CA ASN A 472 8.14 19.66 -13.40
C ASN A 472 8.09 19.21 -11.95
N LEU A 473 7.81 20.14 -11.05
CA LEU A 473 8.01 19.82 -9.65
C LEU A 473 6.78 19.21 -8.98
N TRP A 474 7.00 18.73 -7.76
CA TRP A 474 5.97 18.16 -6.87
C TRP A 474 5.80 19.12 -5.69
N PRO A 475 4.58 19.26 -5.14
CA PRO A 475 4.44 20.11 -3.94
C PRO A 475 5.09 19.49 -2.73
N VAL A 476 5.31 20.29 -1.70
CA VAL A 476 5.83 19.72 -0.47
C VAL A 476 4.68 19.04 0.29
N PRO A 477 4.94 17.85 0.83
CA PRO A 477 4.01 17.19 1.75
C PRO A 477 3.63 17.96 3.04
N HIS A 478 2.59 17.48 3.72
CA HIS A 478 2.15 18.01 5.03
C HIS A 478 3.29 18.17 6.01
N GLY A 479 3.86 17.05 6.42
CA GLY A 479 4.81 16.99 7.52
C GLY A 479 6.19 17.50 7.15
N LEU A 480 6.58 17.34 5.88
CA LEU A 480 7.91 17.71 5.43
C LEU A 480 8.14 19.22 5.52
N GLU A 481 8.85 19.61 6.59
CA GLU A 481 9.46 20.93 6.73
C GLU A 481 10.84 20.95 6.04
N ASP A 482 11.61 19.87 6.21
CA ASP A 482 12.96 19.73 5.60
C ASP A 482 13.05 20.21 4.15
N LEU A 483 14.14 20.90 3.83
CA LEU A 483 14.20 21.80 2.67
C LEU A 483 14.27 21.15 1.30
N LEU A 484 14.69 19.89 1.20
CA LEU A 484 15.09 19.35 -0.08
C LEU A 484 14.38 18.06 -0.56
N ASN A 485 14.19 17.10 0.34
CA ASN A 485 13.42 15.86 0.06
C ASN A 485 14.05 14.90 -0.98
N PRO A 486 14.98 14.04 -0.54
CA PRO A 486 15.53 12.95 -1.36
C PRO A 486 14.74 11.63 -1.31
N ILE A 487 14.12 11.29 -0.17
CA ILE A 487 13.30 10.06 -0.08
C ILE A 487 12.13 10.05 -1.10
N GLY A 488 11.66 11.23 -1.52
CA GLY A 488 10.64 11.37 -2.59
C GLY A 488 10.97 10.76 -3.95
N VAL A 489 9.98 10.65 -4.81
CA VAL A 489 10.14 9.89 -6.06
C VAL A 489 11.04 10.58 -7.07
N THR A 490 11.85 9.74 -7.68
CA THR A 490 12.73 10.12 -8.78
C THR A 490 11.93 10.27 -10.07
N GLY A 491 12.18 11.37 -10.77
CA GLY A 491 11.48 11.71 -12.00
C GLY A 491 10.66 12.98 -11.89
N SER A 492 10.25 13.45 -13.07
CA SER A 492 9.38 14.61 -13.19
C SER A 492 7.92 14.30 -12.81
N ASN A 493 7.22 15.29 -12.28
CA ASN A 493 5.76 15.29 -12.21
C ASN A 493 5.13 15.22 -13.63
N PRO A 494 4.06 14.43 -13.82
CA PRO A 494 3.41 14.48 -15.14
C PRO A 494 2.36 15.58 -15.22
N ASN A 495 1.94 16.12 -14.07
CA ASN A 495 1.09 17.30 -14.03
C ASN A 495 1.80 18.46 -14.72
N LYS A 496 1.29 18.85 -15.89
CA LYS A 496 1.84 19.96 -16.67
C LYS A 496 1.80 21.29 -15.88
N GLU A 497 0.62 21.71 -15.44
CA GLU A 497 0.45 22.99 -14.74
C GLU A 497 1.07 22.97 -13.32
N THR A 498 2.40 22.88 -13.29
CA THR A 498 3.24 22.86 -12.06
C THR A 498 4.62 23.48 -12.37
N PRO A 499 5.31 24.02 -11.34
CA PRO A 499 6.66 24.61 -11.51
C PRO A 499 7.65 23.80 -12.37
N CYS A 500 7.75 24.15 -13.65
CA CYS A 500 8.64 23.47 -14.61
C CYS A 500 10.06 24.07 -14.59
N LEU A 501 10.90 23.57 -13.69
CA LEU A 501 12.28 24.05 -13.54
C LEU A 501 13.19 23.35 -14.53
N GLU A 502 13.36 23.93 -15.72
CA GLU A 502 14.28 23.37 -16.74
C GLU A 502 15.76 23.69 -16.41
N LEU A 503 16.68 22.83 -16.87
CA LEU A 503 18.12 22.96 -16.53
C LEU A 503 19.04 22.24 -17.55
N GLU A 504 20.36 22.45 -17.41
CA GLU A 504 21.39 21.84 -18.29
C GLU A 504 22.51 21.07 -17.57
N PHE A 505 22.93 19.97 -18.20
CA PHE A 505 23.92 19.03 -17.69
C PHE A 505 25.17 19.06 -18.56
N ASP A 506 26.33 19.18 -17.90
CA ASP A 506 27.64 19.28 -18.58
C ASP A 506 27.83 18.06 -19.50
N TRP A 507 28.28 18.34 -20.72
CA TRP A 507 28.26 17.39 -21.84
C TRP A 507 29.68 17.21 -22.36
N PHE A 508 30.10 15.96 -22.47
CA PHE A 508 31.51 15.65 -22.68
C PHE A 508 31.74 15.02 -24.06
N SER A 509 31.15 15.67 -25.07
CA SER A 509 31.35 15.36 -26.50
C SER A 509 30.99 13.92 -26.92
N SER A 510 30.46 13.10 -26.00
CA SER A 510 30.25 11.66 -26.20
C SER A 510 29.33 11.08 -25.10
N VAL A 511 28.61 10.00 -25.42
CA VAL A 511 27.74 9.31 -24.42
C VAL A 511 28.54 8.64 -23.28
N VAL A 512 28.48 9.27 -22.10
CA VAL A 512 29.29 8.89 -20.95
C VAL A 512 28.60 7.81 -20.15
N LYS A 513 29.04 6.57 -20.31
CA LYS A 513 28.49 5.43 -19.58
C LYS A 513 29.19 5.11 -18.24
N PHE A 514 28.62 4.15 -17.50
CA PHE A 514 29.17 3.66 -16.24
C PHE A 514 30.03 2.44 -16.58
N PRO A 515 31.20 2.29 -15.91
CA PRO A 515 32.13 1.16 -16.12
C PRO A 515 31.48 -0.24 -16.15
N ASP A 516 32.01 -1.19 -16.91
CA ASP A 516 31.57 -2.63 -16.83
C ASP A 516 31.91 -3.22 -15.45
N MET A 517 31.51 -4.47 -15.17
CA MET A 517 31.86 -5.05 -13.86
C MET A 517 33.34 -5.36 -13.91
N SER A 518 33.74 -6.11 -14.94
CA SER A 518 35.16 -6.34 -15.29
C SER A 518 36.06 -5.14 -14.99
N VAL A 519 35.73 -3.99 -15.59
CA VAL A 519 36.48 -2.75 -15.35
C VAL A 519 36.52 -2.34 -13.86
N ILE A 520 35.44 -2.65 -13.11
CA ILE A 520 35.36 -2.34 -11.67
C ILE A 520 36.13 -3.34 -10.82
N GLU A 521 36.19 -4.61 -11.25
CA GLU A 521 37.00 -5.63 -10.55
C GLU A 521 38.50 -5.30 -10.55
N GLU A 522 39.04 -4.94 -11.72
CA GLU A 522 40.44 -4.51 -11.88
C GLU A 522 40.80 -3.41 -10.91
N HIS A 523 40.00 -2.33 -10.92
CA HIS A 523 40.26 -1.19 -10.05
C HIS A 523 40.12 -1.52 -8.57
N ALA A 524 39.33 -2.55 -8.25
CA ALA A 524 39.27 -3.07 -6.88
C ALA A 524 40.55 -3.83 -6.47
N ASN A 525 41.01 -4.72 -7.35
CA ASN A 525 42.24 -5.49 -7.10
C ASN A 525 43.50 -4.64 -7.11
N TRP A 526 43.54 -3.66 -7.99
CA TRP A 526 44.58 -2.65 -7.96
C TRP A 526 44.56 -1.87 -6.63
N SER A 527 43.38 -1.41 -6.18
CA SER A 527 43.27 -0.64 -4.91
C SER A 527 43.54 -1.49 -3.67
N VAL A 528 43.41 -2.82 -3.80
CA VAL A 528 43.77 -3.79 -2.77
C VAL A 528 45.29 -3.97 -2.65
N SER A 529 45.94 -4.32 -3.78
CA SER A 529 47.40 -4.42 -3.84
C SER A 529 48.08 -3.10 -3.48
N ARG A 530 47.56 -1.97 -4.03
CA ARG A 530 48.04 -0.62 -3.67
C ARG A 530 47.98 -0.32 -2.14
N GLU A 531 46.95 -0.87 -1.47
CA GLU A 531 46.82 -0.70 -0.03
C GLU A 531 47.86 -1.50 0.77
N ALA A 532 48.22 -2.71 0.32
CA ALA A 532 49.21 -3.58 1.03
C ALA A 532 50.58 -2.93 1.41
N GLY A 533 51.13 -2.09 0.53
CA GLY A 533 52.42 -1.40 0.75
C GLY A 533 52.36 0.04 1.29
N PHE A 534 51.25 0.40 1.94
CA PHE A 534 51.20 1.61 2.76
C PHE A 534 52.30 1.54 3.82
N SER A 535 52.56 2.65 4.48
CA SER A 535 53.74 2.75 5.33
C SER A 535 53.39 3.02 6.78
N TYR A 536 53.86 2.10 7.63
CA TYR A 536 53.73 2.17 9.09
C TYR A 536 52.60 3.07 9.60
N SER A 537 52.84 4.39 9.67
CA SER A 537 51.87 5.35 10.21
C SER A 537 51.13 6.06 9.09
N HIS A 538 50.02 6.72 9.44
CA HIS A 538 49.18 7.39 8.46
C HIS A 538 48.16 8.34 9.10
N ALA A 539 48.04 9.55 8.53
CA ALA A 539 47.15 10.61 9.04
C ALA A 539 45.70 10.21 8.77
N GLY A 540 45.07 9.63 9.78
CA GLY A 540 43.85 8.87 9.59
C GLY A 540 44.24 7.50 9.05
N LEU A 541 44.89 6.70 9.90
CA LEU A 541 45.09 5.25 9.68
C LEU A 541 43.90 4.45 10.27
N SER A 542 42.76 5.14 10.44
CA SER A 542 41.50 4.55 10.88
C SER A 542 40.81 3.72 9.78
N ASN A 543 40.75 4.29 8.59
CA ASN A 543 40.28 3.60 7.38
C ASN A 543 41.08 2.32 7.03
N ARG A 544 42.40 2.37 7.24
CA ARG A 544 43.30 1.24 7.00
C ARG A 544 43.47 0.49 8.31
N LEU A 545 44.00 -0.73 8.23
CA LEU A 545 44.19 -1.56 9.44
C LEU A 545 45.44 -1.17 10.25
N ALA A 546 46.61 -1.67 9.84
CA ALA A 546 47.87 -1.74 10.64
C ALA A 546 47.95 -2.89 11.66
N ARG A 547 46.85 -3.64 11.84
CA ARG A 547 46.85 -4.92 12.54
C ARG A 547 47.07 -6.06 11.54
N ASP A 548 46.65 -5.83 10.28
CA ASP A 548 46.87 -6.75 9.17
C ASP A 548 46.05 -8.04 9.38
N ASN A 549 46.55 -9.20 8.92
CA ASN A 549 45.82 -10.47 9.08
C ASN A 549 45.60 -10.92 10.53
N GLU A 550 46.23 -10.25 11.49
CA GLU A 550 45.98 -10.50 12.91
C GLU A 550 45.36 -9.26 13.58
N LEU A 551 44.05 -9.33 13.81
CA LEU A 551 43.27 -8.27 14.48
C LEU A 551 43.13 -8.61 15.96
N ARG A 552 43.00 -7.59 16.81
CA ARG A 552 42.92 -7.81 18.27
C ARG A 552 41.56 -8.43 18.64
N GLU A 553 41.54 -9.21 19.73
CA GLU A 553 40.34 -9.92 20.19
C GLU A 553 39.25 -8.98 20.78
N ASN A 554 39.66 -7.83 21.32
CA ASN A 554 38.70 -6.76 21.68
C ASN A 554 37.96 -6.23 20.45
N ASP A 555 38.67 -6.13 19.33
CA ASP A 555 38.14 -5.60 18.08
C ASP A 555 37.10 -6.53 17.44
N LYS A 556 37.44 -7.83 17.29
CA LYS A 556 36.50 -8.85 16.72
C LYS A 556 35.16 -8.99 17.47
N GLU A 557 35.10 -8.53 18.72
CA GLU A 557 33.88 -8.50 19.53
C GLU A 557 33.33 -7.08 19.83
N GLN A 558 33.94 -6.03 19.28
CA GLN A 558 33.25 -4.75 19.10
C GLN A 558 32.44 -4.79 17.81
N LEU A 559 32.86 -5.62 16.86
CA LEU A 559 32.14 -5.80 15.60
C LEU A 559 30.82 -6.56 15.79
N LYS A 560 30.87 -7.73 16.43
CA LYS A 560 29.66 -8.48 16.77
C LYS A 560 28.73 -7.75 17.72
N ALA A 561 29.28 -6.81 18.50
CA ALA A 561 28.52 -5.89 19.37
C ALA A 561 27.76 -4.81 18.60
N ILE A 562 28.36 -4.36 17.49
CA ILE A 562 27.68 -3.51 16.52
C ILE A 562 26.67 -4.35 15.73
N SER A 563 27.14 -5.50 15.22
CA SER A 563 26.34 -6.49 14.47
C SER A 563 24.92 -6.68 15.00
N THR A 564 24.82 -6.86 16.32
CA THR A 564 23.53 -7.08 16.98
C THR A 564 22.61 -5.85 16.96
N ARG A 565 23.17 -4.64 17.07
CA ARG A 565 22.36 -3.42 17.17
C ARG A 565 21.33 -3.27 16.04
N ASP A 566 20.26 -2.53 16.31
CA ASP A 566 19.17 -2.36 15.33
C ASP A 566 19.54 -1.36 14.20
N PRO A 567 18.75 -1.36 13.11
CA PRO A 567 18.89 -0.41 12.01
C PRO A 567 18.92 1.04 12.43
N LEU A 568 17.97 1.48 13.26
CA LEU A 568 17.88 2.91 13.63
C LEU A 568 18.99 3.51 14.52
N SER A 569 19.76 2.66 15.22
CA SER A 569 20.89 3.12 16.02
C SER A 569 21.99 3.62 15.07
N GLU A 570 21.94 4.92 14.78
CA GLU A 570 22.93 5.58 13.91
C GLU A 570 24.34 5.29 14.41
N ILE A 571 25.27 5.17 13.47
CA ILE A 571 26.62 4.72 13.76
C ILE A 571 27.58 5.91 13.67
N THR A 572 28.54 5.96 14.60
CA THR A 572 29.54 7.04 14.66
C THR A 572 30.63 6.79 13.62
N GLU A 573 31.20 7.89 13.12
CA GLU A 573 32.22 7.84 12.07
C GLU A 573 33.37 6.88 12.43
N GLN A 574 33.82 6.98 13.69
CA GLN A 574 34.82 6.05 14.22
C GLN A 574 34.41 4.62 13.86
N GLU A 575 33.20 4.26 14.26
CA GLU A 575 32.66 2.92 14.09
C GLU A 575 32.53 2.51 12.63
N LYS A 576 32.11 3.45 11.78
CA LYS A 576 32.04 3.21 10.34
C LYS A 576 33.43 2.89 9.85
N ASP A 577 34.37 3.79 10.10
CA ASP A 577 35.76 3.58 9.67
C ASP A 577 36.36 2.33 10.28
N PHE A 578 35.95 2.04 11.51
CA PHE A 578 36.28 0.79 12.18
C PHE A 578 35.79 -0.42 11.36
N LEU A 579 34.49 -0.48 11.11
CA LEU A 579 33.91 -1.54 10.27
C LEU A 579 34.60 -1.61 8.92
N TRP A 580 34.66 -0.44 8.28
CA TRP A 580 35.19 -0.27 6.92
C TRP A 580 36.64 -0.72 6.81
N SER A 581 37.42 -0.59 7.88
CA SER A 581 38.78 -1.14 7.88
C SER A 581 38.76 -2.67 7.97
N HIS A 582 38.04 -3.18 8.96
CA HIS A 582 38.01 -4.62 9.20
C HIS A 582 37.06 -5.35 8.26
N ARG A 583 36.39 -4.60 7.38
CA ARG A 583 35.58 -5.11 6.26
C ARG A 583 35.79 -6.55 5.78
N HIS A 584 37.02 -7.02 5.70
CA HIS A 584 37.25 -8.39 5.22
C HIS A 584 37.00 -9.47 6.28
N TYR A 585 37.23 -9.17 7.56
CA TYR A 585 36.76 -10.04 8.65
C TYR A 585 35.24 -10.08 8.71
N CYS A 586 34.58 -8.93 8.47
CA CYS A 586 33.10 -8.84 8.45
C CYS A 586 32.38 -9.88 7.56
N VAL A 587 33.09 -10.58 6.67
CA VAL A 587 32.55 -11.73 5.92
C VAL A 587 32.29 -12.96 6.83
N THR A 588 33.02 -13.05 7.93
CA THR A 588 32.70 -14.00 9.00
C THR A 588 31.25 -13.83 9.50
N ILE A 589 30.84 -12.58 9.71
CA ILE A 589 29.54 -12.24 10.28
C ILE A 589 28.61 -11.70 9.16
N PRO A 590 28.06 -12.57 8.28
CA PRO A 590 27.21 -12.06 7.20
C PRO A 590 26.24 -10.93 7.61
N GLU A 591 25.56 -11.15 8.72
CA GLU A 591 24.51 -10.27 9.21
C GLU A 591 24.97 -8.82 9.42
N ILE A 592 26.28 -8.59 9.53
CA ILE A 592 26.83 -7.23 9.72
C ILE A 592 26.65 -6.29 8.50
N LEU A 593 26.54 -6.90 7.32
CA LEU A 593 26.49 -6.19 6.03
C LEU A 593 25.68 -4.90 6.02
N PRO A 594 24.39 -4.94 6.40
CA PRO A 594 23.58 -3.73 6.50
C PRO A 594 24.25 -2.53 7.13
N LYS A 595 25.08 -2.79 8.12
CA LYS A 595 25.86 -1.73 8.74
C LYS A 595 27.01 -1.39 7.79
N LEU A 596 27.83 -2.40 7.47
CA LEU A 596 29.01 -2.23 6.63
C LEU A 596 28.74 -1.32 5.42
N LEU A 597 27.62 -1.53 4.74
CA LEU A 597 27.27 -0.74 3.54
C LEU A 597 27.11 0.74 3.85
N LEU A 598 26.47 1.05 4.98
CA LEU A 598 26.31 2.45 5.42
C LEU A 598 27.63 3.07 5.92
N SER A 599 28.69 2.25 6.05
CA SER A 599 30.04 2.73 6.38
C SER A 599 30.82 3.23 5.16
N VAL A 600 30.74 2.50 4.04
CA VAL A 600 31.40 2.92 2.78
C VAL A 600 31.06 4.39 2.46
N LYS A 601 32.05 5.13 2.00
CA LYS A 601 31.80 6.44 1.40
C LYS A 601 31.60 6.16 -0.08
N TRP A 602 30.44 6.55 -0.58
CA TRP A 602 30.05 6.28 -1.97
C TRP A 602 30.62 7.34 -2.91
N ASN A 603 31.03 8.47 -2.31
CA ASN A 603 31.92 9.47 -2.94
C ASN A 603 33.38 9.05 -3.20
N SER A 604 33.77 7.81 -2.87
CA SER A 604 35.10 7.30 -3.23
C SER A 604 34.93 6.02 -4.02
N ARG A 605 34.92 6.15 -5.34
CA ARG A 605 34.80 5.00 -6.24
C ARG A 605 35.81 3.88 -5.94
N ASP A 606 36.98 4.24 -5.38
CA ASP A 606 38.01 3.30 -4.86
C ASP A 606 37.39 2.33 -3.88
N GLU A 607 36.75 2.90 -2.85
CA GLU A 607 36.09 2.17 -1.78
C GLU A 607 34.92 1.36 -2.37
N VAL A 608 34.04 2.09 -3.06
CA VAL A 608 32.84 1.56 -3.73
C VAL A 608 33.13 0.35 -4.61
N ALA A 609 34.15 0.44 -5.44
CA ALA A 609 34.51 -0.66 -6.35
C ALA A 609 34.89 -1.94 -5.59
N GLN A 610 35.59 -1.81 -4.47
CA GLN A 610 35.94 -2.97 -3.65
C GLN A 610 34.70 -3.56 -3.00
N MET A 611 33.80 -2.69 -2.52
CA MET A 611 32.52 -3.12 -1.93
C MET A 611 31.72 -3.96 -2.92
N TYR A 612 31.65 -3.53 -4.18
CA TYR A 612 30.97 -4.32 -5.26
C TYR A 612 31.46 -5.77 -5.38
N CYS A 613 32.68 -6.05 -4.89
CA CYS A 613 33.36 -7.37 -4.96
C CYS A 613 33.23 -8.24 -3.71
N LEU A 614 33.07 -7.61 -2.56
CA LEU A 614 32.70 -8.33 -1.33
C LEU A 614 31.25 -8.80 -1.46
N VAL A 615 30.40 -7.83 -1.80
CA VAL A 615 28.97 -8.04 -2.00
C VAL A 615 28.70 -9.02 -3.15
N LYS A 616 29.51 -8.95 -4.21
CA LYS A 616 29.46 -9.91 -5.31
C LYS A 616 29.20 -11.31 -4.79
N ASP A 617 30.03 -11.73 -3.83
CA ASP A 617 29.98 -13.10 -3.27
C ASP A 617 30.12 -13.04 -1.75
N TRP A 618 29.15 -12.39 -1.15
CA TRP A 618 28.99 -12.34 0.29
C TRP A 618 28.15 -13.52 0.65
N PRO A 619 28.20 -13.96 1.90
CA PRO A 619 27.31 -15.04 2.30
C PRO A 619 25.83 -14.64 2.26
N PRO A 620 24.98 -15.46 1.62
CA PRO A 620 23.57 -15.12 1.69
C PRO A 620 23.07 -15.09 3.13
N ILE A 621 22.10 -14.23 3.36
CA ILE A 621 21.54 -14.03 4.68
C ILE A 621 20.03 -14.35 4.74
N LYS A 622 19.51 -14.35 5.96
CA LYS A 622 18.11 -14.57 6.24
C LYS A 622 17.30 -13.43 5.57
N PRO A 623 16.09 -13.73 5.07
CA PRO A 623 15.21 -12.69 4.50
C PRO A 623 14.82 -11.54 5.42
N GLU A 624 14.69 -11.79 6.71
CA GLU A 624 14.32 -10.74 7.63
C GLU A 624 15.38 -9.63 7.67
N GLN A 625 16.65 -10.01 7.47
CA GLN A 625 17.77 -9.03 7.43
C GLN A 625 17.99 -8.47 6.04
N ALA A 626 17.69 -9.28 5.02
CA ALA A 626 17.83 -8.87 3.61
C ALA A 626 16.87 -7.73 3.23
N MET A 627 15.64 -7.78 3.70
CA MET A 627 14.65 -6.76 3.37
C MET A 627 15.06 -5.35 3.78
N GLU A 628 15.85 -5.24 4.84
CA GLU A 628 16.45 -3.95 5.21
C GLU A 628 17.13 -3.33 3.98
N LEU A 629 17.84 -4.18 3.22
CA LEU A 629 18.58 -3.80 2.02
C LEU A 629 17.77 -3.51 0.74
N LEU A 630 16.44 -3.51 0.84
CA LEU A 630 15.60 -2.95 -0.20
C LEU A 630 14.90 -1.64 0.26
N ASP A 631 15.31 -1.05 1.40
CA ASP A 631 14.70 0.24 1.82
C ASP A 631 15.39 1.39 1.09
N CYS A 632 14.98 2.62 1.37
CA CYS A 632 15.59 3.81 0.75
C CYS A 632 17.11 3.98 1.03
N ASN A 633 17.58 3.52 2.18
CA ASN A 633 18.98 3.64 2.54
C ASN A 633 19.94 2.68 1.83
N TYR A 634 19.43 1.82 0.95
CA TYR A 634 20.29 0.91 0.21
C TYR A 634 19.86 0.98 -1.26
N PRO A 635 20.25 2.08 -1.92
CA PRO A 635 19.82 2.40 -3.28
C PRO A 635 20.71 1.81 -4.35
N ASP A 636 21.88 1.28 -3.99
CA ASP A 636 22.73 0.66 -5.00
C ASP A 636 22.02 -0.57 -5.65
N PRO A 637 22.35 -0.91 -6.92
CA PRO A 637 21.75 -2.09 -7.57
C PRO A 637 22.44 -3.41 -7.30
N MET A 638 23.71 -3.38 -6.94
CA MET A 638 24.44 -4.58 -6.56
C MET A 638 23.90 -5.04 -5.23
N VAL A 639 23.83 -4.12 -4.29
CA VAL A 639 23.24 -4.37 -3.00
C VAL A 639 21.87 -4.95 -3.18
N ARG A 640 21.04 -4.26 -3.96
CA ARG A 640 19.66 -4.64 -4.09
C ARG A 640 19.49 -5.91 -4.88
N GLY A 641 20.39 -6.16 -5.83
CA GLY A 641 20.45 -7.47 -6.47
C GLY A 641 20.67 -8.54 -5.42
N PHE A 642 21.78 -8.45 -4.68
CA PHE A 642 22.10 -9.39 -3.58
C PHE A 642 20.82 -9.70 -2.78
N ALA A 643 20.18 -8.66 -2.26
CA ALA A 643 18.99 -8.81 -1.43
C ALA A 643 17.87 -9.62 -2.10
N VAL A 644 17.73 -9.51 -3.41
CA VAL A 644 16.82 -10.40 -4.13
C VAL A 644 17.37 -11.83 -4.12
N ARG A 645 18.67 -11.99 -4.35
CA ARG A 645 19.28 -13.32 -4.38
C ARG A 645 19.02 -14.06 -3.07
N CYS A 646 18.98 -13.31 -1.96
CA CYS A 646 18.51 -13.84 -0.68
C CYS A 646 17.08 -14.37 -0.83
N LEU A 647 16.12 -13.51 -1.17
CA LEU A 647 14.72 -13.94 -1.32
C LEU A 647 14.53 -15.12 -2.28
N GLU A 648 15.22 -15.07 -3.41
CA GLU A 648 15.12 -16.13 -4.40
C GLU A 648 15.43 -17.46 -3.75
N LYS A 649 16.50 -17.49 -2.98
CA LYS A 649 16.92 -18.69 -2.25
C LYS A 649 15.94 -19.03 -1.10
N TYR A 650 15.87 -18.15 -0.08
CA TYR A 650 15.26 -18.48 1.22
C TYR A 650 13.73 -18.22 1.35
N LEU A 651 13.31 -16.96 1.21
CA LEU A 651 11.87 -16.56 1.32
C LEU A 651 10.84 -17.44 0.60
N THR A 652 9.96 -18.02 1.41
CA THR A 652 8.96 -19.00 0.99
C THR A 652 7.62 -18.37 0.59
N ASP A 653 6.91 -19.01 -0.35
CA ASP A 653 5.58 -18.52 -0.80
C ASP A 653 4.63 -18.20 0.34
N ASP A 654 4.86 -18.79 1.51
CA ASP A 654 4.13 -18.42 2.70
C ASP A 654 4.59 -17.09 3.24
N LYS A 655 5.88 -17.00 3.48
CA LYS A 655 6.45 -15.86 4.17
C LYS A 655 6.54 -14.65 3.25
N LEU A 656 6.59 -14.90 1.94
CA LEU A 656 6.37 -13.84 0.92
C LEU A 656 4.99 -13.22 1.08
N SER A 657 3.96 -14.06 1.00
CA SER A 657 2.58 -13.60 1.20
C SER A 657 2.39 -12.82 2.52
N GLN A 658 3.20 -13.09 3.55
CA GLN A 658 3.14 -12.30 4.80
C GLN A 658 3.57 -10.86 4.57
N TYR A 659 4.74 -10.75 3.94
CA TYR A 659 5.43 -9.49 3.73
C TYR A 659 5.16 -8.83 2.37
N LEU A 660 4.12 -9.24 1.64
CA LEU A 660 3.89 -8.76 0.27
C LEU A 660 3.74 -7.24 0.20
N ILE A 661 2.97 -6.71 1.15
CA ILE A 661 2.79 -5.27 1.29
C ILE A 661 4.11 -4.54 1.33
N GLN A 662 5.02 -4.98 2.19
CA GLN A 662 6.31 -4.35 2.30
C GLN A 662 7.13 -4.43 1.03
N LEU A 663 7.01 -5.53 0.29
CA LEU A 663 7.77 -5.71 -0.94
C LEU A 663 7.21 -4.94 -2.11
N VAL A 664 5.90 -4.73 -2.13
CA VAL A 664 5.28 -3.90 -3.17
C VAL A 664 5.58 -2.41 -2.94
N GLN A 665 5.51 -1.99 -1.68
CA GLN A 665 5.95 -0.64 -1.28
C GLN A 665 7.43 -0.31 -1.56
N VAL A 666 8.28 -1.34 -1.58
CA VAL A 666 9.71 -1.18 -1.78
C VAL A 666 10.07 -0.99 -3.28
N LEU A 667 9.11 -1.33 -4.17
CA LEU A 667 9.26 -1.08 -5.60
C LEU A 667 9.41 0.40 -5.90
N LYS A 668 8.79 1.21 -5.07
CA LYS A 668 8.86 2.68 -5.21
C LYS A 668 10.26 3.27 -5.02
N TYR A 669 11.18 2.53 -4.39
CA TYR A 669 12.57 2.96 -4.28
C TYR A 669 13.48 2.33 -5.34
N GLU A 670 12.91 1.73 -6.38
CA GLU A 670 13.77 1.14 -7.39
C GLU A 670 14.02 2.24 -8.40
N GLN A 671 15.27 2.43 -8.84
CA GLN A 671 15.59 3.53 -9.75
C GLN A 671 14.83 3.46 -11.10
N TYR A 672 14.78 2.28 -11.68
CA TYR A 672 14.30 2.12 -13.05
C TYR A 672 13.16 1.09 -13.08
N LEU A 673 12.27 1.20 -14.08
CA LEU A 673 11.13 0.29 -14.24
C LEU A 673 11.52 -1.16 -14.22
N ASP A 674 12.55 -1.48 -15.01
CA ASP A 674 12.95 -2.86 -15.22
C ASP A 674 14.10 -3.19 -14.28
N ASN A 675 13.84 -4.09 -13.34
CA ASN A 675 14.82 -4.40 -12.30
C ASN A 675 14.58 -5.77 -11.70
N LEU A 676 15.45 -6.18 -10.77
CA LEU A 676 15.48 -7.56 -10.28
C LEU A 676 14.35 -7.90 -9.35
N LEU A 677 14.02 -6.97 -8.45
CA LEU A 677 12.88 -7.13 -7.57
C LEU A 677 11.52 -7.26 -8.31
N VAL A 678 11.32 -6.50 -9.40
CA VAL A 678 10.08 -6.57 -10.16
C VAL A 678 9.97 -7.94 -10.83
N ARG A 679 11.08 -8.37 -11.40
CA ARG A 679 11.14 -9.65 -12.12
C ARG A 679 10.86 -10.81 -11.17
N PHE A 680 11.32 -10.69 -9.92
CA PHE A 680 11.04 -11.68 -8.88
C PHE A 680 9.54 -11.72 -8.54
N LEU A 681 9.02 -10.61 -8.03
CA LEU A 681 7.62 -10.49 -7.59
C LEU A 681 6.62 -10.82 -8.69
N LEU A 682 6.91 -10.37 -9.90
CA LEU A 682 6.04 -10.64 -11.02
C LEU A 682 5.94 -12.15 -11.19
N LYS A 683 7.11 -12.82 -11.14
CA LYS A 683 7.16 -14.26 -11.36
C LYS A 683 6.44 -15.03 -10.25
N LYS A 684 6.75 -14.72 -8.98
CA LYS A 684 6.06 -15.37 -7.86
C LYS A 684 4.58 -15.24 -8.01
N ALA A 685 4.14 -14.04 -8.38
CA ALA A 685 2.72 -13.75 -8.69
C ALA A 685 2.10 -14.60 -9.80
N LEU A 686 2.90 -14.84 -10.83
CA LEU A 686 2.51 -15.75 -11.94
C LEU A 686 2.66 -17.27 -11.65
N THR A 687 3.46 -17.60 -10.63
CA THR A 687 3.59 -18.96 -10.09
C THR A 687 2.44 -19.37 -9.15
N ASN A 688 1.94 -18.42 -8.37
CA ASN A 688 1.09 -18.71 -7.24
C ASN A 688 -0.13 -17.76 -7.25
N GLN A 689 -1.33 -18.29 -7.47
CA GLN A 689 -2.49 -17.44 -7.75
C GLN A 689 -3.07 -16.81 -6.50
N ARG A 690 -2.56 -17.15 -5.32
CA ARG A 690 -3.05 -16.56 -4.07
C ARG A 690 -2.23 -15.32 -3.76
N ILE A 691 -0.93 -15.37 -4.06
CA ILE A 691 -0.08 -14.19 -4.13
C ILE A 691 -0.55 -13.26 -5.25
N GLY A 692 -0.62 -13.84 -6.44
CA GLY A 692 -1.13 -13.17 -7.61
C GLY A 692 -2.25 -12.26 -7.21
N HIS A 693 -3.20 -12.81 -6.48
CA HIS A 693 -4.38 -12.06 -6.10
C HIS A 693 -4.09 -10.77 -5.31
N PHE A 694 -3.28 -10.90 -4.29
CA PHE A 694 -3.02 -9.78 -3.44
C PHE A 694 -2.05 -8.83 -4.11
N PHE A 695 -1.17 -9.41 -4.90
CA PHE A 695 -0.28 -8.61 -5.74
C PHE A 695 -1.03 -7.66 -6.70
N PHE A 696 -2.18 -8.09 -7.21
CA PHE A 696 -2.97 -7.24 -8.06
C PHE A 696 -3.56 -6.14 -7.21
N TRP A 697 -4.26 -6.53 -6.15
CA TRP A 697 -4.98 -5.54 -5.37
C TRP A 697 -4.08 -4.54 -4.69
N HIS A 698 -2.89 -4.93 -4.27
CA HIS A 698 -1.98 -3.96 -3.66
C HIS A 698 -1.50 -2.89 -4.64
N LEU A 699 -1.22 -3.29 -5.90
CA LEU A 699 -0.92 -2.35 -6.98
C LEU A 699 -2.17 -1.59 -7.41
N LYS A 700 -3.18 -2.30 -7.85
CA LYS A 700 -4.46 -1.67 -8.18
C LYS A 700 -4.90 -0.64 -7.10
N SER A 701 -4.68 -0.96 -5.83
CA SER A 701 -5.00 -0.04 -4.72
C SER A 701 -4.41 1.36 -4.90
N GLU A 702 -3.12 1.41 -5.23
CA GLU A 702 -2.40 2.68 -5.39
C GLU A 702 -2.47 3.20 -6.83
N MET A 703 -3.38 2.78 -7.68
CA MET A 703 -3.38 3.31 -9.05
C MET A 703 -3.83 4.76 -9.18
N HIS A 704 -4.58 5.28 -8.21
CA HIS A 704 -4.92 6.73 -8.16
C HIS A 704 -3.73 7.69 -7.97
N ASN A 705 -2.66 7.19 -7.35
CA ASN A 705 -1.52 7.98 -6.86
C ASN A 705 -0.43 8.17 -7.94
N LYS A 706 -0.49 9.27 -8.71
CA LYS A 706 0.33 9.44 -9.95
C LYS A 706 1.86 9.31 -9.81
N THR A 707 2.37 9.29 -8.59
CA THR A 707 3.77 8.92 -8.35
C THR A 707 4.07 7.47 -8.81
N VAL A 708 3.03 6.62 -8.85
CA VAL A 708 3.15 5.22 -9.31
C VAL A 708 2.16 4.77 -10.41
N SER A 709 1.18 5.60 -10.76
CA SER A 709 0.22 5.31 -11.83
C SER A 709 0.85 4.67 -13.07
N GLN A 710 2.02 5.17 -13.48
CA GLN A 710 2.68 4.63 -14.67
C GLN A 710 3.29 3.33 -14.27
N ARG A 711 4.18 3.38 -13.29
CA ARG A 711 4.97 2.20 -12.96
C ARG A 711 4.13 0.95 -12.73
N PHE A 712 3.17 1.09 -11.81
CA PHE A 712 2.28 0.01 -11.40
C PHE A 712 1.34 -0.38 -12.49
N GLY A 713 0.84 0.59 -13.21
CA GLY A 713 0.10 0.28 -14.42
C GLY A 713 0.83 -0.77 -15.28
N LEU A 714 2.07 -0.45 -15.64
CA LEU A 714 2.83 -1.29 -16.58
C LEU A 714 2.96 -2.71 -16.05
N LEU A 715 3.18 -2.79 -14.73
CA LEU A 715 3.38 -4.04 -14.02
C LEU A 715 2.13 -4.87 -13.98
N LEU A 716 1.02 -4.25 -13.57
CA LEU A 716 -0.33 -4.85 -13.64
C LEU A 716 -0.68 -5.29 -15.03
N GLU A 717 -0.25 -4.56 -16.05
CA GLU A 717 -0.56 -4.94 -17.43
C GLU A 717 0.06 -6.29 -17.72
N SER A 718 1.31 -6.40 -17.29
CA SER A 718 2.12 -7.55 -17.55
C SER A 718 1.53 -8.75 -16.81
N TYR A 719 1.34 -8.61 -15.49
CA TYR A 719 0.62 -9.62 -14.68
C TYR A 719 -0.69 -10.02 -15.34
N CYS A 720 -1.50 -9.04 -15.72
CA CYS A 720 -2.83 -9.31 -16.27
C CYS A 720 -2.81 -10.08 -17.59
N ARG A 721 -1.80 -9.80 -18.42
CA ARG A 721 -1.62 -10.51 -19.68
C ARG A 721 -1.26 -12.00 -19.48
N ALA A 722 -0.53 -12.30 -18.42
CA ALA A 722 0.05 -13.63 -18.20
C ALA A 722 -0.71 -14.56 -17.23
N CYS A 723 -1.36 -14.00 -16.20
CA CYS A 723 -2.18 -14.78 -15.22
C CYS A 723 -3.37 -15.60 -15.81
N GLY A 724 -3.71 -15.36 -17.07
CA GLY A 724 -4.58 -16.26 -17.79
C GLY A 724 -5.99 -15.99 -17.36
N MET A 725 -6.66 -16.99 -16.81
CA MET A 725 -8.11 -16.88 -16.60
C MET A 725 -8.50 -16.13 -15.33
N TYR A 726 -7.63 -16.10 -14.31
CA TYR A 726 -7.88 -15.25 -13.14
C TYR A 726 -8.26 -13.81 -13.46
N LEU A 727 -7.73 -13.28 -14.56
CA LEU A 727 -8.10 -11.96 -15.04
C LEU A 727 -9.60 -11.81 -15.05
N LYS A 728 -10.29 -12.85 -15.52
CA LYS A 728 -11.74 -12.82 -15.58
C LYS A 728 -12.41 -12.80 -14.20
N HIS A 729 -11.82 -13.53 -13.27
CA HIS A 729 -12.20 -13.44 -11.87
C HIS A 729 -11.91 -12.07 -11.23
N LEU A 730 -10.74 -11.48 -11.52
CA LEU A 730 -10.43 -10.14 -11.07
C LEU A 730 -11.37 -9.14 -11.73
N ASN A 731 -11.73 -9.34 -12.99
CA ASN A 731 -12.68 -8.43 -13.63
C ASN A 731 -14.07 -8.44 -13.04
N ARG A 732 -14.48 -9.53 -12.41
CA ARG A 732 -15.75 -9.48 -11.71
C ARG A 732 -15.62 -8.75 -10.37
N GLN A 733 -14.57 -9.04 -9.62
CA GLN A 733 -14.27 -8.35 -8.38
C GLN A 733 -14.16 -6.86 -8.60
N VAL A 734 -13.49 -6.45 -9.68
CA VAL A 734 -13.34 -5.03 -9.96
C VAL A 734 -14.73 -4.46 -10.19
N GLU A 735 -15.40 -4.93 -11.24
CA GLU A 735 -16.83 -4.62 -11.55
C GLU A 735 -17.74 -4.44 -10.30
N ALA A 736 -17.58 -5.35 -9.33
CA ALA A 736 -18.35 -5.34 -8.08
C ALA A 736 -18.00 -4.18 -7.21
N MET A 737 -16.70 -4.01 -6.96
CA MET A 737 -16.19 -2.87 -6.15
C MET A 737 -16.58 -1.52 -6.76
N GLU A 738 -16.58 -1.41 -8.09
CA GLU A 738 -16.95 -0.18 -8.73
C GLU A 738 -18.39 0.11 -8.46
N LYS A 739 -19.29 -0.85 -8.60
CA LYS A 739 -20.74 -0.62 -8.30
C LYS A 739 -21.00 -0.16 -6.88
N LEU A 740 -20.25 -0.75 -5.96
CA LEU A 740 -20.29 -0.34 -4.58
C LEU A 740 -19.75 1.06 -4.34
N ILE A 741 -18.70 1.44 -5.07
CA ILE A 741 -18.13 2.78 -4.94
C ILE A 741 -19.16 3.82 -5.36
N ASN A 742 -19.68 3.67 -6.56
CA ASN A 742 -20.76 4.51 -7.02
C ASN A 742 -21.93 4.58 -6.10
N LEU A 743 -22.27 3.46 -5.46
CA LEU A 743 -23.43 3.44 -4.57
C LEU A 743 -23.22 4.34 -3.36
N THR A 744 -22.20 4.04 -2.59
CA THR A 744 -21.84 4.83 -1.42
C THR A 744 -21.59 6.32 -1.77
N ASP A 745 -21.05 6.57 -2.95
CA ASP A 745 -20.84 7.95 -3.38
C ASP A 745 -22.15 8.73 -3.42
N ILE A 746 -23.22 8.11 -3.92
CA ILE A 746 -24.51 8.79 -3.97
C ILE A 746 -25.03 8.99 -2.55
N LEU A 747 -24.96 7.93 -1.75
CA LEU A 747 -25.32 8.00 -0.35
C LEU A 747 -24.60 9.07 0.47
N LYS A 748 -23.36 9.36 0.12
CA LYS A 748 -22.59 10.27 0.94
C LYS A 748 -22.69 11.72 0.47
N GLN A 749 -23.42 11.97 -0.63
CA GLN A 749 -23.50 13.30 -1.24
C GLN A 749 -24.93 13.76 -1.45
N GLU A 750 -25.70 13.02 -2.23
CA GLU A 750 -27.11 13.35 -2.42
C GLU A 750 -27.85 12.94 -1.16
N LYS A 751 -27.74 11.68 -0.77
CA LYS A 751 -28.69 11.10 0.19
C LYS A 751 -28.33 11.30 1.66
N LYS A 752 -27.32 12.12 1.97
CA LYS A 752 -27.18 12.60 3.36
C LYS A 752 -28.34 13.57 3.60
N ASP A 753 -28.59 13.95 4.85
CA ASP A 753 -29.77 14.74 5.20
C ASP A 753 -31.06 14.09 4.65
N GLU A 754 -31.13 12.78 4.83
CA GLU A 754 -32.34 11.97 4.65
C GLU A 754 -32.28 11.00 5.83
N THR A 755 -33.40 10.41 6.26
CA THR A 755 -33.33 9.41 7.35
C THR A 755 -32.60 8.17 6.85
N GLN A 756 -31.91 7.48 7.76
CA GLN A 756 -31.42 6.13 7.49
C GLN A 756 -32.53 5.43 6.74
N LYS A 757 -33.72 5.38 7.36
CA LYS A 757 -34.93 4.80 6.77
C LYS A 757 -35.10 5.04 5.24
N VAL A 758 -34.85 6.26 4.78
CA VAL A 758 -35.00 6.65 3.36
C VAL A 758 -33.84 6.16 2.52
N GLN A 759 -32.62 6.41 3.03
CA GLN A 759 -31.37 5.85 2.50
C GLN A 759 -31.46 4.33 2.32
N MET A 760 -31.93 3.63 3.35
CA MET A 760 -32.10 2.18 3.31
C MET A 760 -33.13 1.72 2.30
N LYS A 761 -34.15 2.53 2.01
CA LYS A 761 -35.06 2.23 0.91
C LYS A 761 -34.26 2.30 -0.37
N PHE A 762 -33.68 3.47 -0.60
CA PHE A 762 -32.80 3.66 -1.76
C PHE A 762 -31.75 2.55 -2.02
N LEU A 763 -31.09 2.09 -0.96
CA LEU A 763 -30.06 1.04 -1.07
C LEU A 763 -30.65 -0.24 -1.64
N VAL A 764 -31.72 -0.73 -1.00
CA VAL A 764 -32.34 -1.99 -1.40
C VAL A 764 -32.96 -1.85 -2.77
N GLU A 765 -33.64 -0.75 -3.02
CA GLU A 765 -34.22 -0.46 -4.33
C GLU A 765 -33.18 -0.60 -5.46
N GLN A 766 -31.96 -0.13 -5.19
CA GLN A 766 -30.88 -0.20 -6.17
C GLN A 766 -30.24 -1.57 -6.29
N MET A 767 -29.98 -2.22 -5.17
CA MET A 767 -29.46 -3.58 -5.21
C MET A 767 -30.43 -4.52 -5.98
N ARG A 768 -31.74 -4.21 -5.96
CA ARG A 768 -32.76 -4.93 -6.73
C ARG A 768 -32.49 -4.98 -8.20
N ARG A 769 -32.15 -3.84 -8.77
CA ARG A 769 -31.94 -3.73 -10.19
C ARG A 769 -30.96 -4.80 -10.76
N PRO A 770 -31.08 -5.15 -12.06
CA PRO A 770 -30.37 -6.32 -12.56
C PRO A 770 -28.89 -6.07 -12.80
N ASP A 771 -28.52 -4.94 -13.38
CA ASP A 771 -27.10 -4.57 -13.48
C ASP A 771 -26.33 -4.76 -12.18
N PHE A 772 -27.01 -4.56 -11.04
CA PHE A 772 -26.46 -4.86 -9.70
C PHE A 772 -26.43 -6.33 -9.34
N MET A 773 -27.55 -7.01 -9.59
CA MET A 773 -27.66 -8.43 -9.28
C MET A 773 -26.65 -9.21 -10.12
N ASP A 774 -26.52 -8.86 -11.40
CA ASP A 774 -25.41 -9.33 -12.24
C ASP A 774 -24.10 -9.09 -11.54
N ALA A 775 -23.85 -7.82 -11.24
CA ALA A 775 -22.53 -7.34 -10.83
C ALA A 775 -22.05 -7.77 -9.46
N LEU A 776 -22.99 -7.97 -8.52
CA LEU A 776 -22.66 -8.22 -7.11
C LEU A 776 -22.88 -9.65 -6.58
N GLN A 777 -23.22 -10.62 -7.45
CA GLN A 777 -23.56 -11.99 -6.99
C GLN A 777 -22.56 -13.12 -7.32
N GLY A 778 -22.14 -13.29 -8.55
CA GLY A 778 -21.25 -14.41 -8.79
C GLY A 778 -19.82 -13.96 -8.71
N PHE A 779 -19.20 -13.98 -7.52
CA PHE A 779 -17.76 -13.59 -7.47
C PHE A 779 -16.97 -14.06 -6.24
N LEU A 780 -15.66 -13.76 -6.21
CA LEU A 780 -14.78 -14.10 -5.09
C LEU A 780 -14.51 -12.96 -4.12
N SER A 781 -14.53 -13.23 -2.83
CA SER A 781 -14.15 -12.22 -1.86
C SER A 781 -12.72 -11.82 -2.10
N PRO A 782 -12.44 -10.51 -2.27
CA PRO A 782 -11.04 -10.11 -2.38
C PRO A 782 -10.29 -10.18 -1.05
N LEU A 783 -11.02 -10.09 0.07
CA LEU A 783 -10.42 -10.37 1.38
C LEU A 783 -9.80 -11.77 1.43
N ASN A 784 -10.40 -12.71 0.70
CA ASN A 784 -9.83 -14.03 0.50
C ASN A 784 -10.57 -14.76 -0.62
N PRO A 785 -9.90 -14.98 -1.74
CA PRO A 785 -10.59 -15.44 -2.91
C PRO A 785 -11.05 -16.89 -2.83
N ALA A 786 -10.60 -17.64 -1.82
CA ALA A 786 -11.17 -18.97 -1.50
C ALA A 786 -12.66 -18.94 -1.23
N HIS A 787 -13.13 -17.92 -0.51
CA HIS A 787 -14.56 -17.83 -0.23
C HIS A 787 -15.25 -17.35 -1.50
N GLN A 788 -16.36 -17.99 -1.85
CA GLN A 788 -17.20 -17.49 -2.93
C GLN A 788 -18.30 -16.70 -2.34
N LEU A 789 -18.80 -15.79 -3.16
CA LEU A 789 -19.88 -14.89 -2.82
C LEU A 789 -20.97 -15.21 -3.86
N GLY A 790 -22.05 -15.80 -3.40
CA GLY A 790 -23.14 -16.22 -4.28
C GLY A 790 -24.18 -15.16 -4.39
N ASN A 791 -25.43 -15.55 -4.49
CA ASN A 791 -26.51 -14.58 -4.41
C ASN A 791 -26.41 -13.75 -3.13
N LEU A 792 -26.92 -12.54 -3.20
CA LEU A 792 -26.92 -11.59 -2.10
C LEU A 792 -28.24 -11.76 -1.46
N ARG A 793 -28.24 -12.10 -0.17
CA ARG A 793 -29.45 -11.93 0.64
C ARG A 793 -29.57 -10.44 1.05
N LEU A 794 -30.54 -9.75 0.45
CA LEU A 794 -30.78 -8.32 0.73
C LEU A 794 -31.55 -8.10 2.03
N GLU A 795 -32.05 -9.17 2.62
CA GLU A 795 -32.56 -9.18 3.99
C GLU A 795 -31.53 -8.64 4.97
N GLU A 796 -30.34 -9.22 4.91
CA GLU A 796 -29.29 -8.92 5.84
C GLU A 796 -28.30 -7.86 5.33
N CYS A 797 -28.52 -7.29 4.14
CA CYS A 797 -27.68 -6.17 3.68
C CYS A 797 -28.22 -4.88 4.23
N ARG A 798 -27.32 -4.02 4.72
CA ARG A 798 -27.74 -2.77 5.34
C ARG A 798 -26.62 -1.74 5.54
N ILE A 799 -27.02 -0.48 5.64
CA ILE A 799 -26.11 0.66 5.88
C ILE A 799 -25.85 0.83 7.36
N MET A 800 -24.61 0.66 7.79
CA MET A 800 -24.31 0.92 9.17
C MET A 800 -24.63 2.36 9.60
N SER A 801 -24.65 2.55 10.90
CA SER A 801 -24.98 3.82 11.53
C SER A 801 -23.93 4.90 11.36
N SER A 802 -22.66 4.54 11.17
CA SER A 802 -21.62 5.56 10.98
C SER A 802 -21.91 6.52 9.84
N ALA A 803 -21.35 7.71 9.98
CA ALA A 803 -21.62 8.81 9.07
C ALA A 803 -20.94 8.66 7.73
N LYS A 804 -19.94 7.77 7.64
CA LYS A 804 -19.25 7.50 6.38
C LYS A 804 -20.13 6.64 5.47
N ARG A 805 -21.18 6.01 6.03
CA ARG A 805 -22.11 5.16 5.28
C ARG A 805 -21.36 3.94 4.74
N PRO A 806 -20.89 3.09 5.66
CA PRO A 806 -20.32 1.86 5.22
C PRO A 806 -21.45 0.90 5.06
N LEU A 807 -21.27 -0.06 4.13
CA LEU A 807 -22.28 -1.07 3.81
C LEU A 807 -21.90 -2.37 4.44
N TRP A 808 -22.94 -2.98 5.02
CA TRP A 808 -22.93 -4.32 5.55
C TRP A 808 -23.56 -5.20 4.48
N LEU A 809 -22.70 -5.93 3.76
CA LEU A 809 -23.16 -6.81 2.71
C LEU A 809 -23.07 -8.25 3.19
N ASN A 810 -24.00 -9.07 2.67
CA ASN A 810 -24.20 -10.43 3.11
C ASN A 810 -24.55 -11.34 1.95
N TRP A 811 -23.67 -12.30 1.69
CA TRP A 811 -23.79 -13.21 0.56
C TRP A 811 -24.08 -14.67 1.00
N GLU A 812 -24.68 -15.47 0.10
CA GLU A 812 -24.80 -16.92 0.30
C GLU A 812 -23.46 -17.57 -0.02
N ASN A 813 -22.91 -18.40 0.86
CA ASN A 813 -21.77 -19.29 0.50
C ASN A 813 -22.37 -20.37 -0.33
N PRO A 814 -21.95 -20.49 -1.60
CA PRO A 814 -22.64 -21.44 -2.45
C PRO A 814 -21.84 -22.73 -2.57
N ASP A 815 -20.89 -22.96 -1.67
CA ASP A 815 -20.17 -24.23 -1.63
C ASP A 815 -21.14 -25.38 -1.46
N ILE A 816 -20.68 -26.55 -1.84
CA ILE A 816 -21.50 -27.75 -1.77
C ILE A 816 -21.69 -28.09 -0.27
N MET A 817 -20.63 -27.87 0.51
CA MET A 817 -20.62 -28.06 1.97
C MET A 817 -20.64 -26.74 2.78
N SEP A 818 -21.50 -25.82 2.36
CA SEP A 818 -21.71 -24.53 3.04
CB SEP A 818 -22.97 -23.82 2.54
OG SEP A 818 -23.63 -24.69 1.62
C SEP A 818 -21.90 -24.79 4.48
O SEP A 818 -21.17 -24.26 5.30
P SEP A 818 -25.01 -24.35 0.85
O1P SEP A 818 -24.68 -23.53 -0.38
O2P SEP A 818 -25.48 -25.74 0.47
O3P SEP A 818 -25.85 -23.64 1.90
N GLU A 819 -22.87 -25.66 4.76
CA GLU A 819 -23.21 -26.17 6.09
C GLU A 819 -22.02 -26.38 7.03
N LEU A 820 -20.96 -27.03 6.56
CA LEU A 820 -19.85 -27.38 7.45
C LEU A 820 -18.87 -26.21 7.73
N LEU A 821 -19.06 -25.06 7.04
CA LEU A 821 -18.27 -23.81 7.29
C LEU A 821 -19.16 -22.65 7.66
N PHE A 822 -19.80 -21.99 6.70
CA PHE A 822 -20.68 -20.88 7.06
C PHE A 822 -21.65 -20.60 5.96
N GLN A 823 -22.95 -20.76 6.22
CA GLN A 823 -23.95 -20.69 5.15
C GLN A 823 -24.02 -19.29 4.57
N ASN A 824 -23.66 -18.29 5.39
CA ASN A 824 -23.71 -16.90 4.99
C ASN A 824 -22.40 -16.19 5.28
N ASN A 825 -21.88 -15.53 4.26
CA ASN A 825 -20.60 -14.83 4.27
C ASN A 825 -20.91 -13.34 4.24
N GLU A 826 -20.29 -12.56 5.13
CA GLU A 826 -20.59 -11.11 5.23
C GLU A 826 -19.36 -10.29 5.54
N ILE A 827 -19.24 -9.16 4.85
CA ILE A 827 -18.06 -8.31 4.92
C ILE A 827 -18.50 -6.88 4.68
N ILE A 828 -17.70 -5.94 5.22
CA ILE A 828 -18.09 -4.54 5.25
C ILE A 828 -17.28 -3.81 4.23
N PHE A 829 -18.00 -3.06 3.40
CA PHE A 829 -17.41 -2.19 2.39
C PHE A 829 -17.51 -0.81 2.95
N LYS A 830 -16.41 -0.07 2.95
CA LYS A 830 -16.39 1.26 3.54
C LYS A 830 -15.71 2.24 2.61
N ASN A 831 -16.56 2.93 1.86
CA ASN A 831 -16.13 4.11 1.16
C ASN A 831 -15.99 5.24 2.14
N GLY A 832 -14.80 5.85 2.16
CA GLY A 832 -14.58 7.05 2.94
C GLY A 832 -13.40 7.10 3.89
N ASP A 833 -12.84 5.97 4.25
CA ASP A 833 -11.81 5.98 5.26
C ASP A 833 -10.55 5.36 4.67
N ASP A 834 -9.41 5.83 5.14
CA ASP A 834 -8.17 5.29 4.66
C ASP A 834 -7.91 4.05 5.47
N LEU A 835 -7.97 2.90 4.80
CA LEU A 835 -7.76 1.62 5.47
C LEU A 835 -6.28 1.32 5.81
N ARG A 836 -5.35 1.70 4.94
CA ARG A 836 -3.97 1.21 5.05
C ARG A 836 -3.15 1.43 6.33
N GLN A 837 -3.62 2.19 7.30
CA GLN A 837 -2.95 2.20 8.60
C GLN A 837 -3.38 0.96 9.40
N ASP A 838 -4.68 0.62 9.32
CA ASP A 838 -5.22 -0.65 9.83
C ASP A 838 -4.45 -1.77 9.13
N MET A 839 -4.54 -1.78 7.81
CA MET A 839 -3.92 -2.83 7.01
C MET A 839 -2.50 -3.17 7.51
N LEU A 840 -1.73 -2.16 7.94
CA LEU A 840 -0.40 -2.39 8.46
C LEU A 840 -0.44 -2.93 9.88
N THR A 841 -1.16 -2.26 10.77
CA THR A 841 -1.19 -2.68 12.17
C THR A 841 -1.73 -4.14 12.32
N LEU A 842 -2.76 -4.48 11.53
CA LEU A 842 -3.32 -5.83 11.51
C LEU A 842 -2.31 -6.80 10.96
N GLN A 843 -1.46 -6.37 10.04
CA GLN A 843 -0.33 -7.17 9.61
C GLN A 843 0.69 -7.34 10.75
N ILE A 844 1.01 -6.24 11.43
CA ILE A 844 2.06 -6.25 12.48
C ILE A 844 1.65 -7.20 13.62
N ILE A 845 0.39 -7.07 14.05
CA ILE A 845 -0.26 -7.97 15.03
C ILE A 845 -0.13 -9.44 14.60
N ARG A 846 -0.57 -9.76 13.39
CA ARG A 846 -0.46 -11.11 12.85
C ARG A 846 0.96 -11.67 13.04
N ILE A 847 1.96 -10.83 12.85
CA ILE A 847 3.36 -11.24 12.95
C ILE A 847 3.73 -11.47 14.42
N MET A 848 3.34 -10.55 15.30
CA MET A 848 3.60 -10.71 16.74
C MET A 848 2.98 -12.00 17.25
N GLU A 849 1.80 -12.36 16.73
CA GLU A 849 1.13 -13.57 17.18
C GLU A 849 1.99 -14.77 16.80
N ASN A 850 2.37 -14.87 15.53
CA ASN A 850 3.15 -16.01 15.04
C ASN A 850 4.53 -16.06 15.64
N ILE A 851 5.11 -14.90 15.94
CA ILE A 851 6.33 -14.82 16.75
C ILE A 851 6.13 -15.51 18.09
N TRP A 852 5.18 -15.00 18.86
CA TRP A 852 4.87 -15.51 20.19
C TRP A 852 4.54 -17.01 20.18
N GLN A 853 3.54 -17.35 19.35
CA GLN A 853 2.91 -18.66 19.39
C GLN A 853 3.87 -19.79 18.97
N ASN A 854 4.63 -19.55 17.90
CA ASN A 854 5.63 -20.53 17.41
C ASN A 854 6.96 -20.55 18.24
N GLN A 855 7.03 -19.67 19.25
CA GLN A 855 7.97 -19.77 20.37
C GLN A 855 7.30 -20.44 21.59
N GLY A 856 6.16 -21.08 21.35
CA GLY A 856 5.42 -21.84 22.37
C GLY A 856 4.47 -21.09 23.29
N LEU A 857 4.46 -19.75 23.28
CA LEU A 857 3.70 -19.00 24.31
C LEU A 857 2.46 -18.27 23.76
N ASP A 858 1.29 -18.75 24.18
CA ASP A 858 0.01 -18.63 23.45
C ASP A 858 -0.80 -17.41 23.87
N LEU A 859 -0.72 -16.33 23.11
CA LEU A 859 -1.59 -15.18 23.31
C LEU A 859 -2.43 -15.00 22.05
N ARG A 860 -3.73 -15.20 22.15
CA ARG A 860 -4.53 -15.23 20.93
C ARG A 860 -5.00 -13.82 20.52
N MET A 861 -4.37 -13.31 19.47
CA MET A 861 -4.76 -12.07 18.83
C MET A 861 -5.71 -12.45 17.70
N LEU A 862 -6.71 -11.62 17.45
CA LEU A 862 -7.63 -11.77 16.31
C LEU A 862 -7.38 -10.63 15.32
N PRO A 863 -6.38 -10.81 14.44
CA PRO A 863 -6.15 -9.83 13.39
C PRO A 863 -7.14 -10.06 12.27
N TYR A 864 -8.33 -9.50 12.46
CA TYR A 864 -9.38 -9.52 11.45
C TYR A 864 -8.88 -9.04 10.07
N GLY A 865 -9.48 -9.58 9.03
CA GLY A 865 -9.11 -9.21 7.68
C GLY A 865 -9.55 -7.82 7.31
N CYS A 866 -8.72 -7.15 6.51
CA CYS A 866 -8.90 -5.77 6.07
C CYS A 866 -8.13 -5.54 4.76
N LEU A 867 -8.74 -4.88 3.77
CA LEU A 867 -8.08 -4.67 2.46
C LEU A 867 -8.41 -3.34 1.81
N SER A 868 -7.38 -2.52 1.57
CA SER A 868 -7.50 -1.28 0.82
C SER A 868 -7.50 -1.60 -0.66
N ILE A 869 -8.46 -1.04 -1.40
CA ILE A 869 -8.63 -1.29 -2.85
C ILE A 869 -8.81 -0.01 -3.70
N GLY A 870 -8.45 1.15 -3.17
CA GLY A 870 -8.86 2.42 -3.82
C GLY A 870 -8.45 3.63 -3.00
N ASP A 871 -8.92 4.85 -3.36
CA ASP A 871 -8.48 6.07 -2.66
C ASP A 871 -8.76 5.99 -1.17
N CYS A 872 -10.02 6.05 -0.75
CA CYS A 872 -10.26 5.72 0.64
C CYS A 872 -11.36 4.72 0.66
N VAL A 873 -11.01 3.55 0.16
CA VAL A 873 -11.95 2.47 -0.14
C VAL A 873 -11.33 1.17 0.32
N GLY A 874 -12.15 0.31 0.93
CA GLY A 874 -11.65 -0.94 1.46
C GLY A 874 -12.70 -1.93 1.86
N LEU A 875 -12.25 -2.92 2.61
CA LEU A 875 -13.04 -4.08 2.96
C LEU A 875 -12.60 -4.51 4.35
N ILE A 876 -13.56 -4.94 5.17
CA ILE A 876 -13.24 -5.44 6.50
C ILE A 876 -14.04 -6.71 6.74
N GLU A 877 -13.32 -7.82 7.02
CA GLU A 877 -13.86 -9.09 7.53
C GLU A 877 -14.73 -8.86 8.75
N VAL A 878 -16.01 -9.20 8.65
CA VAL A 878 -16.86 -9.24 9.85
C VAL A 878 -16.60 -10.48 10.74
N VAL A 879 -16.52 -10.27 12.04
CA VAL A 879 -16.34 -11.34 13.00
C VAL A 879 -17.71 -11.49 13.70
N ARG A 880 -18.41 -12.59 13.42
CA ARG A 880 -19.76 -12.80 13.94
C ARG A 880 -19.64 -13.07 15.44
N ASN A 881 -20.70 -12.72 16.18
CA ASN A 881 -20.77 -12.99 17.60
C ASN A 881 -19.65 -12.31 18.36
N SER A 882 -19.48 -11.03 18.10
CA SER A 882 -18.63 -10.23 18.95
C SER A 882 -19.24 -8.84 19.11
N HIS A 883 -18.97 -8.22 20.25
CA HIS A 883 -19.62 -6.98 20.60
C HIS A 883 -18.59 -6.06 21.23
N THR A 884 -18.85 -4.76 21.07
CA THR A 884 -18.09 -3.69 21.69
C THR A 884 -18.50 -3.65 23.14
N ILE A 885 -17.53 -3.38 24.00
CA ILE A 885 -17.79 -3.41 25.43
C ILE A 885 -19.00 -2.54 25.73
N MET A 886 -19.10 -1.40 25.05
CA MET A 886 -20.30 -0.56 25.18
C MET A 886 -21.61 -1.34 25.00
N GLN A 887 -21.71 -2.16 23.95
CA GLN A 887 -22.92 -2.96 23.74
C GLN A 887 -23.16 -3.88 24.93
N ILE A 888 -22.11 -4.54 25.41
CA ILE A 888 -22.20 -5.36 26.62
C ILE A 888 -22.89 -4.58 27.77
N GLN A 889 -22.50 -3.32 27.97
CA GLN A 889 -23.02 -2.51 29.07
C GLN A 889 -24.40 -1.94 28.80
N CYS A 890 -24.72 -1.61 27.56
CA CYS A 890 -26.12 -1.29 27.19
C CYS A 890 -27.10 -2.45 27.37
N LYS A 891 -26.64 -3.67 27.10
CA LYS A 891 -27.42 -4.88 27.45
C LYS A 891 -27.63 -4.98 28.97
N GLY A 892 -26.54 -5.19 29.71
CA GLY A 892 -26.60 -5.43 31.16
C GLY A 892 -26.97 -4.26 32.08
N GLY A 893 -27.16 -3.08 31.50
CA GLY A 893 -27.68 -1.92 32.22
C GLY A 893 -29.14 -2.11 32.61
N LEU A 894 -29.41 -1.88 33.89
CA LEU A 894 -30.71 -2.18 34.48
C LEU A 894 -31.64 -0.97 34.39
N LYS A 895 -32.87 -1.22 33.95
CA LYS A 895 -34.04 -0.35 34.16
C LYS A 895 -33.83 1.19 34.07
N GLY A 896 -33.66 1.86 35.22
CA GLY A 896 -33.67 3.32 35.32
C GLY A 896 -32.25 3.86 35.42
N ALA A 897 -31.93 4.80 34.52
CA ALA A 897 -30.55 5.11 34.16
C ALA A 897 -29.70 5.76 35.29
N LEU A 898 -29.30 4.95 36.28
CA LEU A 898 -28.53 5.42 37.46
C LEU A 898 -27.02 5.43 37.18
N GLN A 899 -26.45 4.24 36.98
CA GLN A 899 -25.01 4.06 36.75
C GLN A 899 -24.74 2.64 36.26
N PHE A 900 -23.79 2.48 35.35
CA PHE A 900 -23.44 1.13 34.85
C PHE A 900 -22.42 0.44 35.75
N ASN A 901 -22.54 -0.88 35.81
CA ASN A 901 -21.77 -1.73 36.71
C ASN A 901 -20.45 -2.18 36.07
N SER A 902 -19.42 -2.39 36.87
CA SER A 902 -18.13 -2.93 36.39
C SER A 902 -18.22 -4.44 36.06
N HIS A 903 -19.05 -5.15 36.81
CA HIS A 903 -19.26 -6.58 36.63
C HIS A 903 -20.05 -6.94 35.36
N THR A 904 -20.95 -6.07 34.89
CA THR A 904 -21.79 -6.35 33.70
C THR A 904 -21.09 -7.25 32.70
N LEU A 905 -19.84 -6.90 32.32
CA LEU A 905 -19.05 -7.71 31.37
C LEU A 905 -18.93 -9.16 31.83
N HIS A 906 -18.35 -9.34 33.02
CA HIS A 906 -18.26 -10.65 33.68
C HIS A 906 -19.60 -11.39 33.70
N GLN A 907 -20.68 -10.66 34.02
CA GLN A 907 -22.03 -11.25 34.12
C GLN A 907 -22.61 -11.64 32.77
N TRP A 908 -22.35 -10.82 31.75
CA TRP A 908 -22.66 -11.18 30.35
C TRP A 908 -21.79 -12.34 29.83
N LEU A 909 -20.54 -12.39 30.29
CA LEU A 909 -19.57 -13.40 29.87
C LEU A 909 -19.83 -14.75 30.53
N LYS A 910 -20.25 -14.72 31.80
CA LYS A 910 -20.77 -15.90 32.52
C LYS A 910 -22.01 -16.54 31.89
N ASP A 911 -22.98 -15.71 31.52
CA ASP A 911 -24.21 -16.16 30.85
C ASP A 911 -23.93 -16.95 29.55
N LYS A 912 -22.81 -16.64 28.89
CA LYS A 912 -22.36 -17.39 27.71
C LYS A 912 -21.68 -18.68 28.10
N ASN A 913 -20.69 -18.59 28.99
CA ASN A 913 -19.76 -19.68 29.29
C ASN A 913 -19.93 -20.29 30.69
N LYS A 914 -20.44 -21.53 30.75
CA LYS A 914 -20.88 -22.20 32.00
C LYS A 914 -20.36 -23.64 32.15
N GLY A 915 -19.48 -23.86 33.13
CA GLY A 915 -18.95 -25.19 33.42
C GLY A 915 -17.44 -25.14 33.40
N GLU A 916 -16.81 -26.25 33.02
CA GLU A 916 -15.39 -26.25 32.59
C GLU A 916 -15.20 -25.24 31.45
N ILE A 917 -16.27 -25.05 30.65
CA ILE A 917 -16.40 -23.96 29.69
C ILE A 917 -15.96 -22.65 30.37
N TYR A 918 -16.72 -22.12 31.34
CA TYR A 918 -16.32 -20.87 32.07
C TYR A 918 -14.79 -20.68 32.30
N ASP A 919 -14.12 -21.64 32.96
CA ASP A 919 -12.69 -21.48 33.26
C ASP A 919 -11.87 -21.22 31.98
N ALA A 920 -12.26 -21.91 30.89
CA ALA A 920 -11.56 -21.81 29.61
C ALA A 920 -11.81 -20.50 28.87
N ALA A 921 -13.05 -20.00 28.94
CA ALA A 921 -13.40 -18.65 28.45
C ALA A 921 -12.60 -17.54 29.14
N ILE A 922 -12.22 -17.73 30.41
CA ILE A 922 -11.35 -16.77 31.09
C ILE A 922 -9.90 -16.91 30.62
N ASP A 923 -9.41 -18.14 30.45
CA ASP A 923 -8.03 -18.34 30.00
C ASP A 923 -7.80 -17.61 28.68
N LEU A 924 -8.75 -17.80 27.77
CA LEU A 924 -8.77 -17.15 26.47
C LEU A 924 -8.73 -15.63 26.57
N PHE A 925 -9.64 -15.11 27.38
CA PHE A 925 -9.69 -13.68 27.67
C PHE A 925 -8.35 -13.24 28.24
N THR A 926 -7.90 -13.90 29.31
CA THR A 926 -6.64 -13.55 29.95
C THR A 926 -5.48 -13.55 28.94
N ARG A 927 -5.44 -14.55 28.06
CA ARG A 927 -4.38 -14.66 27.05
C ARG A 927 -4.43 -13.57 25.95
N SER A 928 -5.63 -13.27 25.43
CA SER A 928 -5.77 -12.22 24.39
C SER A 928 -5.55 -10.81 24.97
N CYS A 929 -6.23 -10.50 26.06
CA CYS A 929 -6.00 -9.26 26.78
C CYS A 929 -4.52 -8.98 26.95
N ALA A 930 -3.77 -10.03 27.26
CA ALA A 930 -2.35 -9.92 27.52
C ALA A 930 -1.54 -9.60 26.29
N GLY A 931 -1.91 -10.17 25.16
CA GLY A 931 -1.20 -9.86 23.92
C GLY A 931 -1.56 -8.48 23.45
N TYR A 932 -2.87 -8.22 23.42
CA TYR A 932 -3.35 -6.94 23.01
C TYR A 932 -2.90 -5.84 23.95
N CYS A 933 -2.52 -6.16 25.19
CA CYS A 933 -1.92 -5.15 26.05
C CYS A 933 -0.55 -4.76 25.48
N VAL A 934 0.27 -5.75 25.15
CA VAL A 934 1.66 -5.55 24.74
C VAL A 934 1.74 -4.92 23.37
N ALA A 935 1.01 -5.50 22.41
CA ALA A 935 0.99 -5.03 21.02
C ALA A 935 0.58 -3.54 20.92
N THR A 936 -0.57 -3.21 21.51
CA THR A 936 -1.11 -1.85 21.62
C THR A 936 -0.10 -0.84 22.14
N PHE A 937 0.55 -1.18 23.25
CA PHE A 937 1.58 -0.36 23.88
C PHE A 937 2.83 -0.15 23.01
N ILE A 938 3.41 -1.25 22.51
CA ILE A 938 4.57 -1.18 21.61
C ILE A 938 4.30 -0.31 20.37
N LEU A 939 3.13 -0.44 19.76
CA LEU A 939 2.81 0.36 18.58
C LEU A 939 2.27 1.76 18.90
N GLY A 940 1.79 1.96 20.12
CA GLY A 940 1.25 3.25 20.52
C GLY A 940 -0.02 3.63 19.80
N ILE A 941 -0.80 2.63 19.35
CA ILE A 941 -2.04 2.89 18.59
C ILE A 941 -3.06 3.69 19.41
N GLY A 942 -3.88 4.51 18.73
CA GLY A 942 -4.78 5.48 19.36
C GLY A 942 -5.51 4.94 20.58
N ASP A 943 -5.69 5.78 21.60
CA ASP A 943 -6.28 5.35 22.87
C ASP A 943 -7.55 4.47 22.71
N ARG A 944 -7.58 3.38 23.48
CA ARG A 944 -8.65 2.39 23.48
C ARG A 944 -9.71 2.79 24.51
N HIS A 945 -11.00 2.66 24.17
CA HIS A 945 -12.09 2.88 25.14
C HIS A 945 -13.28 1.97 24.81
N ASN A 946 -14.33 2.01 25.65
CA ASN A 946 -15.53 1.15 25.50
C ASN A 946 -16.10 0.90 24.08
N SER A 947 -15.84 1.81 23.13
CA SER A 947 -16.35 1.69 21.75
C SER A 947 -15.40 1.09 20.70
N ASN A 948 -14.17 0.74 21.08
CA ASN A 948 -13.26 0.13 20.12
C ASN A 948 -12.48 -1.09 20.63
N ILE A 949 -12.99 -1.68 21.70
CA ILE A 949 -12.49 -2.95 22.22
C ILE A 949 -13.71 -3.87 22.10
N MET A 950 -13.48 -5.09 21.62
CA MET A 950 -14.57 -6.01 21.39
C MET A 950 -14.31 -7.35 22.03
N VAL A 951 -15.42 -7.99 22.42
CA VAL A 951 -15.37 -9.25 23.13
C VAL A 951 -16.32 -10.23 22.46
N LYS A 952 -15.84 -11.47 22.31
CA LYS A 952 -16.57 -12.53 21.66
C LYS A 952 -17.34 -13.36 22.67
N ASP A 953 -18.43 -13.99 22.21
CA ASP A 953 -19.22 -14.94 23.02
C ASP A 953 -18.33 -15.98 23.70
N ASP A 954 -17.35 -16.53 22.98
CA ASP A 954 -16.40 -17.45 23.61
C ASP A 954 -15.39 -16.79 24.55
N GLY A 955 -15.34 -15.46 24.56
CA GLY A 955 -14.60 -14.72 25.57
C GLY A 955 -13.22 -14.27 25.15
N GLN A 956 -12.97 -14.21 23.84
CA GLN A 956 -11.76 -13.58 23.33
C GLN A 956 -12.01 -12.09 23.20
N LEU A 957 -10.96 -11.34 23.49
CA LEU A 957 -10.94 -9.90 23.42
C LEU A 957 -9.99 -9.51 22.30
N PHE A 958 -10.37 -8.45 21.58
CA PHE A 958 -9.60 -7.95 20.44
C PHE A 958 -10.04 -6.55 20.07
N HIS A 959 -9.07 -5.75 19.62
CA HIS A 959 -9.34 -4.35 19.27
C HIS A 959 -9.71 -4.20 17.80
N ILE A 960 -10.60 -3.23 17.55
CA ILE A 960 -10.88 -2.71 16.21
C ILE A 960 -10.43 -1.26 16.11
N ASP A 961 -10.52 -0.71 14.89
CA ASP A 961 -10.44 0.72 14.61
C ASP A 961 -9.31 1.44 15.38
N PHE A 962 -8.09 1.21 14.89
CA PHE A 962 -6.86 1.50 15.62
C PHE A 962 -6.41 2.97 15.56
N GLY A 963 -6.94 3.74 14.59
CA GLY A 963 -6.52 5.13 14.40
C GLY A 963 -5.10 5.28 13.88
N HIS A 964 -4.39 6.28 14.40
CA HIS A 964 -3.02 6.57 13.99
C HIS A 964 -2.08 5.83 14.90
N PHE A 965 -1.02 5.23 14.37
CA PHE A 965 -0.27 4.18 15.10
C PHE A 965 0.94 4.64 15.92
N LEU A 966 2.04 5.08 15.33
CA LEU A 966 3.26 5.36 16.14
C LEU A 966 3.23 6.70 16.93
N ASP A 967 2.08 7.02 17.51
CA ASP A 967 1.86 8.23 18.31
C ASP A 967 1.90 9.46 17.40
N HIS A 968 0.91 9.52 16.51
CA HIS A 968 0.77 10.63 15.56
C HIS A 968 0.12 11.86 16.20
N LYS A 969 -0.68 11.66 17.25
CA LYS A 969 -1.35 12.77 17.93
C LYS A 969 -0.48 13.59 18.92
N LYS A 970 0.80 13.21 19.12
CA LYS A 970 1.77 14.03 19.90
C LYS A 970 2.46 15.16 19.10
N LYS A 971 2.22 15.22 17.80
CA LYS A 971 2.59 16.40 16.96
C LYS A 971 1.92 17.65 17.56
N LYS A 972 0.72 17.46 18.10
CA LYS A 972 0.14 18.35 19.10
C LYS A 972 0.87 18.03 20.43
N PHE A 973 1.73 18.94 20.89
CA PHE A 973 2.51 18.79 22.16
C PHE A 973 3.12 17.40 22.40
N ARG A 977 5.99 11.42 26.03
CA ARG A 977 4.74 10.96 26.64
C ARG A 977 4.80 9.45 26.94
N GLU A 978 5.21 8.66 25.94
CA GLU A 978 5.34 7.19 26.03
C GLU A 978 4.08 6.55 26.60
N ARG A 979 3.03 6.53 25.79
CA ARG A 979 1.68 6.30 26.27
C ARG A 979 1.33 4.82 26.52
N VAL A 980 0.34 4.59 27.41
CA VAL A 980 -0.36 3.30 27.51
C VAL A 980 -1.78 3.50 26.94
N PRO A 981 -2.02 2.95 25.71
CA PRO A 981 -3.36 3.13 25.11
C PRO A 981 -4.38 2.06 25.53
N PHE A 982 -3.92 0.89 25.98
CA PHE A 982 -4.78 -0.09 26.62
C PHE A 982 -4.56 0.00 28.13
N VAL A 983 -5.46 0.77 28.75
CA VAL A 983 -5.53 1.02 30.19
C VAL A 983 -6.67 0.14 30.73
N LEU A 984 -6.29 -0.89 31.49
CA LEU A 984 -7.23 -1.91 31.92
C LEU A 984 -8.11 -1.43 33.04
N THR A 985 -9.34 -1.06 32.69
CA THR A 985 -10.33 -0.65 33.67
C THR A 985 -10.58 -1.75 34.72
N GLN A 986 -11.40 -1.44 35.71
CA GLN A 986 -11.90 -2.42 36.65
C GLN A 986 -12.42 -3.63 35.85
N ASP A 987 -13.38 -3.34 34.97
CA ASP A 987 -14.08 -4.35 34.15
C ASP A 987 -13.24 -5.58 33.78
N PHE A 988 -12.08 -5.33 33.16
CA PHE A 988 -11.19 -6.39 32.67
C PHE A 988 -10.53 -7.06 33.84
N LEU A 989 -10.03 -6.25 34.78
CA LEU A 989 -9.33 -6.76 35.97
C LEU A 989 -10.17 -7.77 36.74
N ILE A 990 -11.47 -7.48 36.86
CA ILE A 990 -12.45 -8.35 37.51
C ILE A 990 -12.53 -9.69 36.80
N VAL A 991 -12.84 -9.62 35.51
CA VAL A 991 -12.99 -10.77 34.63
C VAL A 991 -11.67 -11.55 34.57
N ILE A 992 -10.53 -10.85 34.65
CA ILE A 992 -9.23 -11.50 34.65
C ILE A 992 -9.10 -12.47 35.82
N SER A 993 -9.54 -12.03 37.01
CA SER A 993 -9.39 -12.83 38.24
C SER A 993 -10.68 -13.48 38.80
N LYS A 994 -11.43 -14.10 37.90
CA LYS A 994 -12.74 -14.69 38.17
C LYS A 994 -13.52 -14.01 39.29
N GLY A 995 -13.83 -12.74 39.10
CA GLY A 995 -14.81 -12.03 39.93
C GLY A 995 -14.47 -11.65 41.36
N ALA A 996 -13.19 -11.68 41.74
CA ALA A 996 -12.79 -11.24 43.09
C ALA A 996 -13.00 -9.74 43.32
N GLN A 997 -12.70 -9.29 44.53
CA GLN A 997 -12.65 -7.87 44.83
C GLN A 997 -11.23 -7.56 45.19
N GLU A 998 -10.81 -6.35 44.81
CA GLU A 998 -9.42 -5.93 44.93
C GLU A 998 -8.59 -7.01 44.21
N CYS A 999 -8.77 -6.98 42.90
CA CYS A 999 -8.41 -8.02 41.96
C CYS A 999 -6.93 -8.01 41.61
N THR A 1000 -6.29 -6.83 41.73
CA THR A 1000 -4.87 -6.62 41.39
C THR A 1000 -3.88 -7.53 42.13
N LYS A 1001 -4.37 -8.28 43.12
CA LYS A 1001 -3.53 -8.96 44.10
C LYS A 1001 -3.66 -10.47 44.00
N THR A 1002 -4.56 -10.98 43.15
CA THR A 1002 -4.82 -12.43 43.00
C THR A 1002 -3.67 -13.16 42.28
N ARG A 1003 -3.69 -14.49 42.25
CA ARG A 1003 -2.72 -15.25 41.45
C ARG A 1003 -3.09 -15.14 39.98
N GLU A 1004 -4.41 -15.19 39.73
CA GLU A 1004 -4.98 -15.05 38.38
C GLU A 1004 -4.27 -13.95 37.57
N PHE A 1005 -4.01 -12.84 38.25
CA PHE A 1005 -3.33 -11.65 37.72
C PHE A 1005 -1.81 -11.78 37.66
N GLU A 1006 -1.20 -12.47 38.63
CA GLU A 1006 0.22 -12.80 38.54
C GLU A 1006 0.57 -13.58 37.28
N ARG A 1007 -0.28 -14.54 36.90
CA ARG A 1007 -0.18 -15.24 35.60
C ARG A 1007 -0.15 -14.22 34.47
N PHE A 1008 -1.23 -13.43 34.40
CA PHE A 1008 -1.45 -12.40 33.38
C PHE A 1008 -0.25 -11.46 33.28
N GLN A 1009 0.13 -10.93 34.43
CA GLN A 1009 1.23 -10.01 34.54
C GLN A 1009 2.54 -10.66 34.05
N GLU A 1010 2.72 -11.96 34.30
CA GLU A 1010 3.86 -12.69 33.74
C GLU A 1010 3.78 -12.84 32.24
N MET A 1011 2.59 -13.18 31.71
CA MET A 1011 2.39 -13.29 30.23
C MET A 1011 2.84 -12.00 29.53
N CYS A 1012 2.40 -10.87 30.05
CA CYS A 1012 2.81 -9.54 29.56
C CYS A 1012 4.33 -9.36 29.51
N TYR A 1013 5.04 -9.83 30.53
CA TYR A 1013 6.51 -9.72 30.54
C TYR A 1013 7.14 -10.66 29.52
N LYS A 1014 6.70 -11.92 29.54
CA LYS A 1014 7.16 -12.93 28.58
C LYS A 1014 6.89 -12.54 27.12
N ALA A 1015 5.77 -11.85 26.89
CA ALA A 1015 5.37 -11.34 25.56
C ALA A 1015 6.12 -10.08 25.13
N TYR A 1016 6.26 -9.11 26.04
CA TYR A 1016 7.06 -7.90 25.78
C TYR A 1016 8.49 -8.19 25.36
N LEU A 1017 9.16 -9.09 26.06
CA LEU A 1017 10.53 -9.46 25.72
C LEU A 1017 10.61 -10.25 24.43
N ALA A 1018 9.68 -11.17 24.21
CA ALA A 1018 9.71 -12.04 23.03
C ALA A 1018 9.74 -11.24 21.73
N ILE A 1019 8.95 -10.17 21.68
CA ILE A 1019 8.95 -9.20 20.58
C ILE A 1019 10.32 -8.55 20.53
N ARG A 1020 10.76 -7.99 21.66
CA ARG A 1020 12.02 -7.22 21.76
C ARG A 1020 13.19 -7.89 21.07
N GLN A 1021 13.28 -9.22 21.21
CA GLN A 1021 14.31 -10.00 20.53
C GLN A 1021 14.18 -10.02 19.00
N HIS A 1022 12.97 -9.81 18.49
CA HIS A 1022 12.70 -9.66 17.06
C HIS A 1022 12.50 -8.19 16.60
N ALA A 1023 12.94 -7.21 17.41
CA ALA A 1023 12.66 -5.79 17.13
C ALA A 1023 13.33 -5.23 15.88
N ASN A 1024 14.30 -5.96 15.33
CA ASN A 1024 14.89 -5.59 14.04
C ASN A 1024 13.89 -5.62 12.92
N LEU A 1025 13.17 -6.73 12.83
CA LEU A 1025 12.10 -6.90 11.85
C LEU A 1025 11.11 -5.74 11.91
N PHE A 1026 10.61 -5.45 13.10
CA PHE A 1026 9.60 -4.41 13.24
C PHE A 1026 10.08 -3.04 12.78
N ILE A 1027 11.36 -2.77 12.97
CA ILE A 1027 11.97 -1.55 12.46
C ILE A 1027 11.88 -1.66 10.94
N ASN A 1028 12.44 -2.74 10.37
CA ASN A 1028 12.52 -2.94 8.90
C ASN A 1028 11.18 -2.91 8.17
N LEU A 1029 10.14 -3.43 8.83
CA LEU A 1029 8.79 -3.41 8.30
C LEU A 1029 8.29 -1.99 8.23
N PHE A 1030 8.26 -1.28 9.36
CA PHE A 1030 7.96 0.14 9.31
C PHE A 1030 8.88 0.92 8.34
N SER A 1031 10.18 0.63 8.35
CA SER A 1031 11.14 1.27 7.43
C SER A 1031 10.80 1.12 5.95
N MET A 1032 10.27 -0.03 5.56
CA MET A 1032 9.88 -0.26 4.17
C MET A 1032 8.61 0.47 3.74
N MET A 1033 7.84 1.00 4.69
CA MET A 1033 6.54 1.58 4.39
C MET A 1033 6.56 3.10 4.20
N LEU A 1034 7.74 3.71 4.30
CA LEU A 1034 7.89 5.17 4.12
C LEU A 1034 7.58 5.64 2.69
N GLY A 1035 7.71 4.73 1.72
CA GLY A 1035 7.36 4.98 0.33
C GLY A 1035 5.92 5.38 0.11
N SER A 1036 5.01 4.82 0.90
CA SER A 1036 3.61 5.25 0.88
C SER A 1036 3.51 6.63 1.46
N GLY A 1037 2.44 7.31 1.08
CA GLY A 1037 2.15 8.62 1.65
C GLY A 1037 1.34 8.56 2.93
N MET A 1038 1.59 7.55 3.77
CA MET A 1038 0.96 7.49 5.10
C MET A 1038 1.52 8.59 6.01
N PRO A 1039 0.68 9.53 6.45
CA PRO A 1039 1.20 10.64 7.24
C PRO A 1039 1.83 10.22 8.57
N GLU A 1040 1.47 9.05 9.08
CA GLU A 1040 2.05 8.50 10.30
C GLU A 1040 3.48 7.96 10.07
N LEU A 1041 3.85 7.71 8.80
CA LEU A 1041 5.20 7.28 8.41
C LEU A 1041 5.78 8.24 7.39
N GLN A 1042 6.27 9.38 7.87
CA GLN A 1042 6.87 10.40 7.01
C GLN A 1042 8.37 10.22 6.87
N SER A 1043 9.06 10.00 7.99
CA SER A 1043 10.49 9.63 7.99
C SER A 1043 10.97 9.00 9.31
N PHE A 1044 12.14 8.37 9.24
CA PHE A 1044 12.70 7.45 10.27
C PHE A 1044 12.48 7.79 11.77
N ASP A 1045 12.41 9.07 12.10
CA ASP A 1045 12.11 9.48 13.48
C ASP A 1045 10.68 9.12 13.89
N ASP A 1046 9.74 9.18 12.95
CA ASP A 1046 8.41 8.60 13.18
C ASP A 1046 8.55 7.17 13.76
N ILE A 1047 9.34 6.35 13.04
CA ILE A 1047 9.59 4.96 13.39
C ILE A 1047 10.35 4.87 14.69
N ALA A 1048 11.20 5.85 14.95
CA ALA A 1048 11.97 5.87 16.20
C ALA A 1048 11.18 5.77 17.53
N TYR A 1049 9.88 6.16 17.54
CA TYR A 1049 8.97 5.91 18.69
C TYR A 1049 9.12 4.47 19.18
N ILE A 1050 9.01 3.52 18.25
CA ILE A 1050 9.08 2.08 18.53
C ILE A 1050 10.39 1.61 19.23
N ARG A 1051 11.43 2.44 19.20
CA ARG A 1051 12.67 2.13 19.90
C ARG A 1051 12.51 2.34 21.39
N LYS A 1052 11.98 3.51 21.76
CA LYS A 1052 11.84 3.90 23.17
C LYS A 1052 10.85 3.03 23.92
N THR A 1053 9.81 2.60 23.20
CA THR A 1053 8.73 1.78 23.74
C THR A 1053 9.13 0.29 23.83
N LEU A 1054 10.07 -0.15 22.99
CA LEU A 1054 10.76 -1.44 23.17
C LEU A 1054 12.06 -1.29 23.98
N ALA A 1055 12.49 -0.03 24.21
CA ALA A 1055 13.70 0.33 24.96
C ALA A 1055 14.90 -0.51 24.53
N LEU A 1056 15.41 -0.21 23.34
CA LEU A 1056 16.47 -1.01 22.69
C LEU A 1056 17.87 -0.55 23.09
N ASP A 1057 17.98 0.74 23.41
CA ASP A 1057 19.22 1.35 23.91
C ASP A 1057 19.69 0.80 25.26
N LYS A 1058 18.75 0.24 26.03
CA LYS A 1058 19.04 -0.35 27.33
C LYS A 1058 19.46 -1.82 27.19
N THR A 1059 19.65 -2.50 28.32
CA THR A 1059 19.70 -3.97 28.37
C THR A 1059 18.33 -4.46 28.77
N GLU A 1060 18.08 -5.75 28.59
CA GLU A 1060 16.71 -6.27 28.71
C GLU A 1060 16.07 -6.14 30.08
N GLN A 1061 16.86 -6.37 31.12
CA GLN A 1061 16.38 -6.26 32.49
C GLN A 1061 15.86 -4.83 32.77
N GLU A 1062 16.48 -3.83 32.13
CA GLU A 1062 16.07 -2.43 32.28
C GLU A 1062 14.73 -2.21 31.59
N ALA A 1063 14.60 -2.76 30.39
CA ALA A 1063 13.37 -2.65 29.61
C ALA A 1063 12.20 -3.20 30.41
N LEU A 1064 12.32 -4.45 30.85
CA LEU A 1064 11.29 -5.09 31.69
C LEU A 1064 10.75 -4.12 32.72
N GLU A 1065 11.68 -3.49 33.43
CA GLU A 1065 11.35 -2.60 34.54
C GLU A 1065 10.78 -1.28 34.03
N TYR A 1066 11.30 -0.79 32.91
CA TYR A 1066 10.70 0.38 32.24
C TYR A 1066 9.27 0.06 31.83
N PHE A 1067 9.06 -1.13 31.27
CA PHE A 1067 7.72 -1.59 30.87
C PHE A 1067 6.79 -1.73 32.09
N MET A 1068 7.31 -2.33 33.14
CA MET A 1068 6.59 -2.46 34.40
C MET A 1068 6.20 -1.09 34.92
N LYS A 1069 7.17 -0.19 34.95
CA LYS A 1069 6.97 1.20 35.39
C LYS A 1069 5.93 1.92 34.56
N GLN A 1070 6.04 1.81 33.22
CA GLN A 1070 5.08 2.42 32.32
C GLN A 1070 3.68 1.83 32.49
N MET A 1071 3.60 0.49 32.71
CA MET A 1071 2.32 -0.18 32.98
C MET A 1071 1.75 0.17 34.38
N ASN A 1072 2.63 0.38 35.35
CA ASN A 1072 2.23 0.75 36.70
C ASN A 1072 1.59 2.14 36.77
N ASP A 1073 2.16 3.11 36.05
CA ASP A 1073 1.79 4.52 36.22
C ASP A 1073 0.47 4.92 35.49
N ALA A 1074 0.11 4.20 34.43
CA ALA A 1074 -1.20 4.39 33.79
C ALA A 1074 -2.31 3.80 34.67
N HIS A 1075 -2.08 2.58 35.16
CA HIS A 1075 -3.05 1.84 35.98
C HIS A 1075 -3.18 2.32 37.42
N HIS A 1076 -2.13 2.99 37.94
CA HIS A 1076 -2.04 3.43 39.34
C HIS A 1076 -2.05 2.24 40.32
N GLY A 1077 -1.08 1.33 40.14
CA GLY A 1077 -0.81 0.26 41.10
C GLY A 1077 -0.92 -1.16 40.55
N GLY A 1078 0.15 -1.95 40.75
CA GLY A 1078 0.14 -3.38 40.39
C GLY A 1078 1.44 -4.03 39.92
N TRP A 1079 2.42 -3.24 39.47
CA TRP A 1079 3.57 -3.75 38.70
C TRP A 1079 4.95 -3.55 39.38
N THR A 1080 5.36 -4.53 40.19
CA THR A 1080 6.69 -4.58 40.85
C THR A 1080 7.46 -5.84 40.43
N LEU B 7 29.27 23.45 34.40
CA LEU B 7 29.33 23.16 32.93
C LEU B 7 27.97 22.81 32.29
N GLN B 8 26.96 22.49 33.11
CA GLN B 8 25.59 22.30 32.62
C GLN B 8 25.05 23.64 32.11
N GLU B 11 25.88 26.17 26.52
CA GLU B 11 24.49 25.99 26.13
C GLU B 11 24.26 24.63 25.46
N TRP B 12 25.17 24.24 24.57
CA TRP B 12 25.13 22.92 23.89
C TRP B 12 25.16 21.71 24.83
N TYR B 13 25.71 21.88 26.03
CA TYR B 13 25.49 20.97 27.14
C TYR B 13 25.23 21.77 28.42
N ARG B 19 19.08 10.27 21.31
CA ARG B 19 19.13 10.13 19.86
C ARG B 19 17.93 10.79 19.19
N GLU B 20 16.74 10.47 19.68
CA GLU B 20 15.53 10.86 18.98
C GLU B 20 15.37 12.38 19.07
N GLU B 21 15.27 12.91 20.29
CA GLU B 21 15.13 14.36 20.52
C GLU B 21 16.45 15.15 20.43
N VAL B 22 17.56 14.45 20.16
CA VAL B 22 18.79 15.07 19.64
C VAL B 22 18.52 15.53 18.19
N ASN B 23 17.94 14.65 17.38
CA ASN B 23 17.59 14.94 15.98
C ASN B 23 16.45 15.98 15.83
N GLU B 24 15.52 16.02 16.79
CA GLU B 24 14.42 17.00 16.80
C GLU B 24 14.87 18.43 17.11
N LYS B 25 16.02 18.56 17.80
CA LYS B 25 16.69 19.85 18.02
C LYS B 25 17.83 20.13 17.01
N LEU B 26 18.12 19.15 16.15
CA LEU B 26 18.95 19.33 14.95
C LEU B 26 18.13 19.67 13.69
N ARG B 27 16.85 19.26 13.66
CA ARG B 27 15.92 19.61 12.58
C ARG B 27 15.99 21.08 12.10
N ASP B 28 16.03 21.27 10.78
CA ASP B 28 15.89 22.58 10.09
C ASP B 28 16.98 23.69 10.21
N THR B 29 18.04 23.46 11.02
CA THR B 29 19.06 24.51 11.23
C THR B 29 20.11 24.58 10.10
N GLY B 32 26.51 22.83 10.07
CA GLY B 32 27.38 23.45 11.08
C GLY B 32 27.02 23.07 12.50
N THR B 33 25.71 23.01 12.77
CA THR B 33 25.13 22.78 14.11
C THR B 33 25.64 21.52 14.86
N PHE B 34 25.71 21.63 16.19
CA PHE B 34 26.32 20.62 17.08
C PHE B 34 25.68 20.60 18.48
N LEU B 35 25.79 19.46 19.18
CA LEU B 35 25.45 19.37 20.61
C LEU B 35 25.75 17.97 21.18
N THR B 41 25.02 2.20 25.98
CA THR B 41 25.94 1.53 26.89
C THR B 41 26.84 2.57 27.52
N LYS B 42 27.39 2.22 28.69
CA LYS B 42 28.47 2.98 29.32
C LYS B 42 29.78 2.22 29.15
N ASP B 46 31.84 7.59 26.41
CA ASP B 46 31.09 8.35 27.41
C ASP B 46 30.09 9.32 26.75
N TYR B 47 30.57 10.44 26.20
CA TYR B 47 29.71 11.45 25.57
C TYR B 47 29.70 11.31 24.02
N THR B 48 28.80 12.06 23.36
CA THR B 48 28.68 12.08 21.88
C THR B 48 28.40 13.48 21.32
N LEU B 49 29.00 13.76 20.16
CA LEU B 49 28.89 15.04 19.46
C LEU B 49 28.23 14.78 18.10
N THR B 50 27.13 15.47 17.80
CA THR B 50 26.37 15.19 16.58
C THR B 50 26.90 15.97 15.37
N ARG B 52 25.28 17.58 12.56
CA ARG B 52 24.56 18.07 11.40
C ARG B 52 25.49 18.75 10.39
N LYS B 53 25.34 18.42 9.11
CA LYS B 53 26.08 19.07 8.02
C LYS B 53 25.20 19.21 6.77
N LEU B 59 27.70 11.52 13.63
CA LEU B 59 27.96 11.43 15.07
C LEU B 59 29.44 11.14 15.36
N ILE B 60 29.95 11.77 16.41
CA ILE B 60 31.37 11.68 16.82
C ILE B 60 31.44 11.31 18.31
N LYS B 61 32.11 10.18 18.59
CA LYS B 61 32.48 9.78 19.97
C LYS B 61 33.58 10.67 20.55
N SER B 78 42.01 15.41 27.54
CA SER B 78 41.14 14.38 28.11
C SER B 78 39.72 14.89 28.43
N SER B 79 39.57 16.19 28.70
CA SER B 79 38.32 16.77 29.27
C SER B 79 37.23 17.14 28.23
N VAL B 80 36.03 17.43 28.74
CA VAL B 80 34.80 17.66 27.92
C VAL B 80 34.68 19.08 27.32
N VAL B 81 34.72 20.13 28.16
CA VAL B 81 34.67 21.55 27.70
C VAL B 81 36.03 21.96 27.09
N GLU B 82 37.08 21.21 27.41
CA GLU B 82 38.44 21.31 26.80
C GLU B 82 38.44 21.31 25.27
N LEU B 83 37.78 20.30 24.68
CA LEU B 83 37.95 19.99 23.24
C LEU B 83 37.00 20.68 22.26
N ILE B 84 35.84 21.15 22.74
CA ILE B 84 34.79 21.73 21.88
C ILE B 84 35.05 23.21 21.51
N ASN B 85 35.55 24.00 22.48
CA ASN B 85 36.00 25.41 22.28
C ASN B 85 37.08 25.58 21.18
N HIS B 86 37.94 24.57 21.07
CA HIS B 86 39.03 24.49 20.07
C HIS B 86 38.50 24.36 18.64
N TYR B 87 37.63 23.37 18.41
CA TYR B 87 37.03 23.14 17.09
C TYR B 87 35.94 24.16 16.68
N ARG B 88 35.44 24.96 17.64
CA ARG B 88 34.43 25.99 17.36
C ARG B 88 35.07 27.23 16.74
N SER B 91 37.04 23.67 12.14
CA SER B 91 37.22 22.82 10.97
C SER B 91 37.66 21.42 11.39
N LEU B 92 36.76 20.45 11.25
CA LEU B 92 37.00 19.05 11.66
C LEU B 92 37.64 18.18 10.55
N ALA B 93 38.38 18.82 9.65
CA ALA B 93 39.06 18.10 8.57
C ALA B 93 40.34 17.42 9.06
N GLN B 94 41.17 18.15 9.83
CA GLN B 94 42.53 17.69 10.20
C GLN B 94 42.64 16.48 11.16
N TYR B 95 41.53 16.11 11.81
CA TYR B 95 41.47 14.86 12.59
C TYR B 95 41.14 13.66 11.69
N ASN B 96 40.20 13.87 10.77
CA ASN B 96 39.61 12.80 9.96
C ASN B 96 39.01 13.38 8.66
N PRO B 97 39.59 13.02 7.47
CA PRO B 97 39.37 13.70 6.18
C PRO B 97 38.08 14.54 5.94
N LYS B 98 36.93 13.89 5.71
CA LYS B 98 35.76 14.60 5.15
C LYS B 98 35.04 15.47 6.18
N LEU B 103 31.00 23.18 13.81
CA LEU B 103 30.48 23.36 15.16
C LEU B 103 30.04 24.82 15.39
N LEU B 104 29.40 25.42 14.38
CA LEU B 104 29.16 26.88 14.38
C LEU B 104 28.03 27.34 15.34
N TYR B 105 26.95 26.55 15.45
CA TYR B 105 25.72 26.98 16.17
C TYR B 105 25.39 26.20 17.47
N PRO B 106 25.75 26.74 18.63
CA PRO B 106 25.39 26.06 19.90
C PRO B 106 23.92 26.27 20.28
N ASP B 119 10.19 34.67 33.69
CA ASP B 119 10.41 34.27 35.08
C ASP B 119 9.15 33.80 35.81
N ASN B 120 7.98 33.97 35.17
CA ASN B 120 6.71 33.84 35.89
C ASN B 120 6.36 32.42 36.33
N ILE B 121 6.66 31.44 35.49
CA ILE B 121 6.25 30.03 35.68
C ILE B 121 4.84 29.77 35.08
N GLU B 122 3.78 30.31 35.69
CA GLU B 122 2.38 29.98 35.27
C GLU B 122 1.86 30.74 34.02
N ALA B 123 2.44 31.88 33.67
CA ALA B 123 2.10 32.66 32.46
C ALA B 123 3.14 32.56 31.33
N VAL B 124 4.15 31.73 31.52
CA VAL B 124 4.91 31.15 30.42
C VAL B 124 4.18 29.88 29.94
N GLY B 125 3.40 29.26 30.83
CA GLY B 125 2.54 28.10 30.50
C GLY B 125 1.14 28.41 29.96
N LYS B 126 0.65 29.62 30.18
CA LYS B 126 -0.55 30.12 29.48
C LYS B 126 -0.16 30.57 28.05
N LYS B 127 1.07 31.05 27.88
CA LYS B 127 1.64 31.28 26.54
C LYS B 127 1.90 29.98 25.79
N LEU B 128 2.15 28.89 26.52
CA LEU B 128 2.14 27.53 25.97
C LEU B 128 0.75 27.11 25.49
N HIS B 129 -0.31 27.49 26.22
CA HIS B 129 -1.70 27.31 25.76
C HIS B 129 -2.01 28.20 24.55
N GLU B 130 -1.56 29.45 24.58
CA GLU B 130 -1.88 30.43 23.54
C GLU B 130 -1.19 30.18 22.20
N TYR B 131 0.13 30.02 22.21
CA TYR B 131 0.87 29.65 20.99
C TYR B 131 0.49 28.28 20.44
N ASN B 132 -0.02 27.41 21.30
CA ASN B 132 -0.56 26.10 20.91
C ASN B 132 -1.97 26.19 20.28
N THR B 133 -2.81 27.15 20.72
CA THR B 133 -4.11 27.43 20.06
C THR B 133 -3.91 28.11 18.70
N GLN B 134 -2.89 28.97 18.61
CA GLN B 134 -2.47 29.59 17.35
C GLN B 134 -1.99 28.51 16.39
N PHE B 135 -0.96 27.80 16.82
CA PHE B 135 -0.33 26.74 16.03
C PHE B 135 -1.33 25.70 15.50
N GLN B 136 -2.15 25.14 16.39
CA GLN B 136 -3.11 24.09 15.98
C GLN B 136 -4.35 24.58 15.25
N GLU B 137 -4.68 25.87 15.39
CA GLU B 137 -5.60 26.53 14.45
C GLU B 137 -4.89 26.74 13.11
N LYS B 138 -3.64 27.21 13.19
CA LYS B 138 -2.79 27.47 12.02
C LYS B 138 -2.50 26.18 11.23
N SER B 139 -2.34 25.07 11.95
CA SER B 139 -2.13 23.75 11.33
C SER B 139 -3.37 23.28 10.57
N ARG B 140 -4.55 23.47 11.16
CA ARG B 140 -5.82 23.17 10.46
C ARG B 140 -5.97 23.98 9.19
N GLU B 141 -5.55 25.25 9.24
CA GLU B 141 -5.54 26.12 8.07
C GLU B 141 -4.71 25.48 6.98
N TYR B 142 -3.53 24.99 7.35
CA TYR B 142 -2.68 24.24 6.43
C TYR B 142 -3.34 22.93 5.98
N ASP B 143 -3.81 22.15 6.96
CA ASP B 143 -4.37 20.80 6.71
C ASP B 143 -5.66 20.84 5.85
N ARG B 144 -6.48 21.87 6.05
CA ARG B 144 -7.69 22.09 5.24
C ARG B 144 -7.33 22.42 3.78
N LEU B 145 -6.46 23.42 3.62
CA LEU B 145 -6.05 23.89 2.30
C LEU B 145 -5.36 22.84 1.43
N TYR B 146 -4.51 22.02 2.04
CA TYR B 146 -3.88 20.91 1.33
C TYR B 146 -4.96 20.06 0.65
N GLU B 147 -6.08 19.80 1.33
CA GLU B 147 -7.17 19.02 0.71
C GLU B 147 -7.78 19.75 -0.50
N GLU B 148 -8.06 21.05 -0.33
CA GLU B 148 -8.63 21.85 -1.43
C GLU B 148 -7.69 21.77 -2.62
N TYR B 149 -6.43 22.10 -2.34
CA TYR B 149 -5.31 22.02 -3.28
C TYR B 149 -5.36 20.70 -4.11
N THR B 150 -5.57 19.58 -3.44
CA THR B 150 -5.61 18.25 -4.11
C THR B 150 -6.92 18.01 -4.84
N ARG B 151 -8.02 18.30 -4.17
CA ARG B 151 -9.35 18.14 -4.79
C ARG B 151 -9.41 18.94 -6.06
N THR B 152 -8.95 20.18 -5.97
CA THR B 152 -8.91 21.06 -7.13
C THR B 152 -8.04 20.41 -8.21
N SER B 153 -6.82 20.06 -7.84
CA SER B 153 -5.92 19.33 -8.75
C SER B 153 -6.65 18.16 -9.43
N GLN B 154 -7.27 17.32 -8.61
CA GLN B 154 -8.05 16.18 -9.09
C GLN B 154 -9.13 16.65 -10.07
N GLU B 155 -10.14 17.34 -9.52
CA GLU B 155 -11.26 17.89 -10.29
C GLU B 155 -10.78 18.47 -11.60
N ILE B 156 -9.70 19.25 -11.53
CA ILE B 156 -9.07 19.84 -12.72
C ILE B 156 -8.84 18.77 -13.77
N GLN B 157 -8.07 17.76 -13.39
CA GLN B 157 -7.66 16.75 -14.36
C GLN B 157 -8.84 15.99 -14.98
N MET B 158 -9.86 15.71 -14.17
CA MET B 158 -11.12 15.08 -14.66
C MET B 158 -11.75 15.92 -15.77
N LYS B 159 -11.74 17.23 -15.56
CA LYS B 159 -12.19 18.17 -16.59
C LYS B 159 -11.33 18.00 -17.85
N ARG B 160 -10.01 18.08 -17.68
CA ARG B 160 -9.08 17.98 -18.81
C ARG B 160 -9.33 16.72 -19.65
N THR B 161 -9.71 15.63 -18.97
CA THR B 161 -10.03 14.36 -19.63
C THR B 161 -11.33 14.50 -20.38
N ALA B 162 -12.31 15.08 -19.68
CA ALA B 162 -13.63 15.31 -20.25
C ALA B 162 -13.53 16.11 -21.54
N ILE B 163 -12.63 17.09 -21.52
CA ILE B 163 -12.39 17.93 -22.68
C ILE B 163 -11.91 17.07 -23.85
N GLU B 164 -10.91 16.22 -23.58
CA GLU B 164 -10.42 15.22 -24.54
C GLU B 164 -11.56 14.30 -25.02
N ALA B 165 -12.43 13.91 -24.09
CA ALA B 165 -13.61 13.08 -24.44
C ALA B 165 -14.64 13.85 -25.26
N PHE B 166 -14.99 15.06 -24.81
CA PHE B 166 -15.81 16.01 -25.58
C PHE B 166 -15.26 16.12 -27.00
N ASN B 167 -13.98 16.52 -27.07
CA ASN B 167 -13.26 16.62 -28.32
C ASN B 167 -13.49 15.40 -29.18
N GLU B 168 -13.30 14.21 -28.60
CA GLU B 168 -13.45 12.98 -29.39
C GLU B 168 -14.91 12.70 -29.75
N THR B 169 -15.83 13.11 -28.88
CA THR B 169 -17.27 13.04 -29.17
C THR B 169 -17.54 13.83 -30.47
N ILE B 170 -17.07 15.08 -30.48
CA ILE B 170 -17.25 16.01 -31.62
C ILE B 170 -16.74 15.42 -32.92
N LYS B 171 -15.52 14.88 -32.89
CA LYS B 171 -14.88 14.30 -34.07
C LYS B 171 -15.69 13.16 -34.69
N ILE B 172 -16.40 12.40 -33.85
CA ILE B 172 -17.26 11.33 -34.34
C ILE B 172 -18.49 11.94 -34.99
N PHE B 173 -19.04 12.98 -34.36
CA PHE B 173 -20.22 13.67 -34.90
C PHE B 173 -19.96 14.49 -36.17
N GLU B 174 -18.83 15.21 -36.18
CA GLU B 174 -18.40 15.98 -37.35
C GLU B 174 -18.23 15.07 -38.55
N GLU B 175 -17.65 13.90 -38.30
CA GLU B 175 -17.57 12.84 -39.32
C GLU B 175 -18.94 12.31 -39.75
N GLN B 176 -19.89 12.19 -38.83
CA GLN B 176 -21.27 11.77 -39.15
C GLN B 176 -22.02 12.78 -40.05
N CYS B 177 -21.87 14.08 -39.78
CA CYS B 177 -22.45 15.12 -40.66
C CYS B 177 -21.79 15.07 -42.05
N GLN B 178 -20.49 14.74 -42.07
CA GLN B 178 -19.78 14.40 -43.31
C GLN B 178 -20.28 13.07 -43.92
N THR B 179 -20.40 12.03 -43.09
CA THR B 179 -20.78 10.68 -43.54
C THR B 179 -22.10 10.62 -44.31
N GLN B 180 -23.09 11.41 -43.88
CA GLN B 180 -24.41 11.39 -44.50
C GLN B 180 -24.42 12.01 -45.90
N GLU B 181 -23.71 13.13 -46.08
CA GLU B 181 -23.71 13.84 -47.37
C GLU B 181 -23.25 12.97 -48.53
N ARG B 182 -22.18 12.19 -48.34
CA ARG B 182 -21.75 11.23 -49.36
C ARG B 182 -22.87 10.28 -49.78
N TYR B 183 -23.50 9.64 -48.78
CA TYR B 183 -24.49 8.58 -49.02
C TYR B 183 -25.91 9.14 -49.33
N SER B 184 -26.18 10.37 -48.88
CA SER B 184 -27.47 11.05 -49.10
C SER B 184 -27.50 11.82 -50.44
N LYS B 185 -26.41 12.54 -50.76
CA LYS B 185 -26.32 13.28 -52.03
C LYS B 185 -25.91 12.43 -53.24
N GLU B 186 -25.87 11.11 -53.05
CA GLU B 186 -26.04 10.15 -54.14
C GLU B 186 -27.53 9.90 -54.39
N TYR B 187 -28.30 9.78 -53.31
CA TYR B 187 -29.77 9.63 -53.35
C TYR B 187 -30.55 10.94 -53.56
N ILE B 188 -29.87 12.11 -53.51
CA ILE B 188 -30.48 13.40 -53.88
C ILE B 188 -30.64 13.52 -55.41
N GLU B 189 -29.68 12.94 -56.15
CA GLU B 189 -29.60 13.06 -57.60
C GLU B 189 -30.16 11.82 -58.33
N LYS B 190 -29.77 10.61 -57.91
CA LYS B 190 -30.42 9.40 -58.45
C LYS B 190 -31.93 9.48 -58.23
N PHE B 191 -32.69 9.20 -59.28
CA PHE B 191 -34.16 9.22 -59.27
C PHE B 191 -34.80 10.63 -59.22
N LYS B 192 -34.57 11.40 -58.14
CA LYS B 192 -35.19 12.73 -57.95
C LYS B 192 -36.71 12.71 -58.19
N GLY B 195 -37.81 10.25 -55.99
CA GLY B 195 -37.97 10.59 -54.57
C GLY B 195 -38.72 11.89 -54.36
N ASN B 196 -38.31 12.92 -55.10
CA ASN B 196 -39.01 14.21 -55.17
C ASN B 196 -38.77 15.00 -53.87
N GLU B 197 -39.63 15.97 -53.56
CA GLU B 197 -39.49 16.81 -52.35
C GLU B 197 -39.97 16.08 -51.08
N LYS B 198 -40.60 14.91 -51.26
CA LYS B 198 -40.97 14.04 -50.14
C LYS B 198 -39.77 13.40 -49.46
N GLU B 199 -38.97 12.64 -50.21
CA GLU B 199 -37.78 11.96 -49.65
C GLU B 199 -36.76 12.91 -49.03
N ILE B 200 -36.49 14.03 -49.69
CA ILE B 200 -35.36 14.92 -49.34
C ILE B 200 -35.71 15.97 -48.28
N GLN B 201 -36.99 16.25 -48.06
CA GLN B 201 -37.41 17.08 -46.93
C GLN B 201 -37.16 16.38 -45.57
N ARG B 202 -37.17 15.03 -45.57
CA ARG B 202 -36.97 14.23 -44.34
C ARG B 202 -35.50 13.77 -44.14
N ILE B 203 -34.72 13.71 -45.22
CA ILE B 203 -33.26 13.62 -45.14
C ILE B 203 -32.67 15.01 -44.79
N MET B 204 -33.43 16.07 -45.09
CA MET B 204 -33.11 17.42 -44.63
C MET B 204 -33.38 17.58 -43.12
N HIS B 205 -34.47 16.98 -42.62
CA HIS B 205 -34.83 17.04 -41.19
C HIS B 205 -33.77 16.42 -40.28
N ASN B 206 -33.33 15.21 -40.65
CA ASN B 206 -32.27 14.50 -39.95
C ASN B 206 -30.97 15.32 -39.85
N TYR B 207 -30.52 15.86 -40.99
CA TYR B 207 -29.30 16.70 -41.06
C TYR B 207 -29.47 18.00 -40.27
N ASP B 208 -30.70 18.52 -40.19
CA ASP B 208 -30.97 19.72 -39.37
C ASP B 208 -30.57 19.47 -37.91
N LYS B 209 -31.00 18.32 -37.38
CA LYS B 209 -30.69 17.91 -35.99
C LYS B 209 -29.20 17.72 -35.78
N LEU B 210 -28.62 16.85 -36.59
CA LEU B 210 -27.17 16.55 -36.58
C LEU B 210 -26.27 17.77 -36.32
N LYS B 211 -26.51 18.87 -37.03
CA LYS B 211 -25.72 20.10 -36.87
C LYS B 211 -26.06 20.83 -35.58
N SER B 212 -27.35 21.05 -35.35
CA SER B 212 -27.80 21.72 -34.13
C SER B 212 -27.41 20.96 -32.86
N ARG B 213 -27.15 19.65 -33.00
CA ARG B 213 -26.54 18.84 -31.93
C ARG B 213 -25.07 19.25 -31.74
N ILE B 214 -24.31 19.32 -32.84
CA ILE B 214 -22.88 19.69 -32.75
C ILE B 214 -22.72 21.12 -32.20
N SER B 215 -23.66 22.00 -32.53
CA SER B 215 -23.77 23.27 -31.83
C SER B 215 -23.71 22.99 -30.33
N GLU B 216 -24.69 22.22 -29.84
CA GLU B 216 -24.85 21.94 -28.40
C GLU B 216 -23.60 21.36 -27.74
N ILE B 217 -22.88 20.52 -28.48
CA ILE B 217 -21.69 19.87 -27.93
C ILE B 217 -20.57 20.91 -27.71
N ILE B 218 -20.34 21.75 -28.73
CA ILE B 218 -19.25 22.75 -28.66
C ILE B 218 -19.62 23.85 -27.66
N ASP B 219 -20.92 24.12 -27.50
CA ASP B 219 -21.41 24.93 -26.41
C ASP B 219 -21.01 24.28 -25.09
N SER B 220 -21.29 22.99 -24.96
CA SER B 220 -21.02 22.25 -23.71
C SER B 220 -19.54 22.17 -23.35
N ARG B 221 -18.70 21.98 -24.37
CA ARG B 221 -17.25 21.87 -24.20
C ARG B 221 -16.62 23.21 -23.82
N ARG B 222 -17.01 24.25 -24.54
CA ARG B 222 -16.62 25.64 -24.23
C ARG B 222 -16.92 25.93 -22.77
N ARG B 223 -18.18 25.71 -22.41
CA ARG B 223 -18.67 26.02 -21.08
C ARG B 223 -17.85 25.29 -20.02
N LEU B 224 -17.33 24.12 -20.35
CA LEU B 224 -16.38 23.44 -19.49
C LEU B 224 -15.02 24.15 -19.45
N GLU B 225 -14.46 24.46 -20.62
CA GLU B 225 -13.10 25.05 -20.73
C GLU B 225 -12.89 26.33 -19.92
N GLU B 226 -13.91 27.19 -19.93
CA GLU B 226 -13.94 28.35 -19.03
C GLU B 226 -13.78 27.91 -17.57
N ASP B 227 -14.53 26.90 -17.15
CA ASP B 227 -14.52 26.44 -15.74
C ASP B 227 -13.18 25.90 -15.31
N LEU B 228 -12.49 25.22 -16.23
CA LEU B 228 -11.12 24.77 -16.02
C LEU B 228 -10.28 25.93 -15.53
N LYS B 229 -10.39 27.06 -16.26
CA LYS B 229 -9.65 28.28 -15.92
C LYS B 229 -10.01 28.81 -14.53
N LYS B 230 -11.31 28.86 -14.25
CA LYS B 230 -11.80 29.37 -12.95
C LYS B 230 -11.35 28.49 -11.80
N GLN B 231 -11.40 27.18 -12.01
CA GLN B 231 -10.75 26.24 -11.10
C GLN B 231 -9.24 26.48 -11.09
N ALA B 232 -8.61 26.44 -12.26
CA ALA B 232 -7.15 26.63 -12.39
C ALA B 232 -6.66 27.90 -11.71
N ALA B 233 -7.46 28.96 -11.83
CA ALA B 233 -7.19 30.22 -11.16
C ALA B 233 -7.17 30.02 -9.65
N GLU B 234 -8.25 29.42 -9.16
CA GLU B 234 -8.41 29.14 -7.72
C GLU B 234 -7.34 28.20 -7.19
N TYR B 235 -6.87 27.29 -8.05
CA TYR B 235 -5.77 26.35 -7.76
C TYR B 235 -4.52 27.12 -7.34
N ARG B 236 -4.08 28.03 -8.22
CA ARG B 236 -2.89 28.87 -7.99
C ARG B 236 -3.03 29.65 -6.68
N GLU B 237 -4.20 30.27 -6.50
CA GLU B 237 -4.50 31.04 -5.30
C GLU B 237 -4.36 30.24 -4.01
N ILE B 238 -4.68 28.94 -4.06
CA ILE B 238 -4.55 28.08 -2.87
C ILE B 238 -3.08 27.91 -2.49
N ASP B 239 -2.23 27.64 -3.49
CA ASP B 239 -0.79 27.42 -3.25
C ASP B 239 -0.11 28.69 -2.77
N LYS B 240 -0.43 29.80 -3.44
CA LYS B 240 -0.12 31.16 -2.98
C LYS B 240 -0.19 31.27 -1.46
N ARG B 241 -1.38 31.02 -0.89
CA ARG B 241 -1.63 31.20 0.55
C ARG B 241 -1.04 30.14 1.45
N MET B 242 -0.93 28.91 0.96
CA MET B 242 -0.14 27.88 1.64
C MET B 242 1.26 28.43 1.92
N ASN B 243 1.92 28.90 0.85
CA ASN B 243 3.32 29.37 0.88
C ASN B 243 3.59 30.65 1.68
N SER B 244 2.56 31.38 2.03
CA SER B 244 2.66 32.46 3.01
C SER B 244 2.41 31.95 4.43
N ILE B 245 1.50 30.98 4.57
CA ILE B 245 1.17 30.38 5.87
C ILE B 245 2.29 29.48 6.40
N LYS B 246 2.86 28.67 5.51
CA LYS B 246 4.01 27.79 5.84
C LYS B 246 5.14 28.38 6.74
N PRO B 247 5.78 29.49 6.30
CA PRO B 247 6.96 30.04 7.01
C PRO B 247 6.69 30.58 8.42
N ASP B 248 5.52 31.20 8.58
CA ASP B 248 5.04 31.64 9.89
C ASP B 248 4.70 30.42 10.74
N LEU B 249 4.11 29.38 10.14
CA LEU B 249 3.81 28.12 10.83
C LEU B 249 5.06 27.49 11.46
N ILE B 250 6.21 27.63 10.80
CA ILE B 250 7.47 27.08 11.32
C ILE B 250 7.99 27.87 12.53
N GLN B 251 7.81 29.19 12.53
CA GLN B 251 8.26 30.04 13.64
C GLN B 251 7.35 29.95 14.86
N LEU B 252 6.03 29.96 14.61
CA LEU B 252 5.00 29.62 15.61
C LEU B 252 5.27 28.30 16.30
N ARG B 253 5.76 27.34 15.50
CA ARG B 253 6.15 26.02 15.99
C ARG B 253 7.52 26.06 16.69
N LYS B 254 8.49 26.78 16.12
CA LYS B 254 9.84 26.86 16.70
C LYS B 254 9.87 27.52 18.10
N THR B 255 9.07 28.58 18.25
CA THR B 255 8.97 29.33 19.50
C THR B 255 8.20 28.59 20.60
N ARG B 256 7.15 27.88 20.22
CA ARG B 256 6.40 26.99 21.13
C ARG B 256 7.23 25.79 21.62
N ASP B 257 8.27 25.40 20.89
CA ASP B 257 9.25 24.42 21.40
C ASP B 257 10.22 25.06 22.39
N GLN B 258 10.70 26.26 22.06
CA GLN B 258 11.57 27.03 22.95
C GLN B 258 10.87 27.48 24.24
N TYR B 259 9.60 27.86 24.15
CA TYR B 259 8.75 28.22 25.32
C TYR B 259 8.55 27.06 26.30
N LEU B 260 8.35 25.85 25.78
CA LEU B 260 8.22 24.63 26.59
C LEU B 260 9.58 24.12 27.10
N MET B 261 10.65 24.40 26.33
CA MET B 261 12.02 24.11 26.77
C MET B 261 12.44 24.95 28.00
N TRP B 262 12.04 26.22 28.02
CA TRP B 262 12.29 27.13 29.17
C TRP B 262 11.60 26.68 30.46
N LEU B 263 10.45 26.02 30.34
CA LEU B 263 9.73 25.48 31.49
C LEU B 263 10.49 24.27 32.06
N THR B 264 10.74 23.25 31.21
CA THR B 264 11.51 22.06 31.59
C THR B 264 13.01 22.33 31.48
N VAL B 268 10.80 20.50 36.63
CA VAL B 268 10.59 19.40 35.69
C VAL B 268 9.15 19.47 35.16
N ARG B 269 8.18 19.42 36.09
CA ARG B 269 6.73 19.52 35.82
C ARG B 269 6.23 18.98 34.48
N GLN B 270 6.71 17.81 34.09
CA GLN B 270 6.29 17.15 32.84
C GLN B 270 4.76 16.99 32.78
N LYS B 271 4.18 16.58 33.91
CA LYS B 271 2.79 16.11 33.98
C LYS B 271 1.74 17.22 34.12
N LYS B 272 2.18 18.47 34.34
CA LYS B 272 1.27 19.63 34.40
C LYS B 272 0.93 20.23 33.02
N LEU B 273 1.65 19.82 31.98
CA LEU B 273 1.68 20.52 30.69
C LEU B 273 0.55 20.15 29.70
N ASN B 274 0.01 18.93 29.78
CA ASN B 274 -0.96 18.43 28.76
C ASN B 274 -2.24 19.27 28.53
N GLU B 275 -2.71 19.98 29.56
CA GLU B 275 -3.95 20.79 29.43
C GLU B 275 -3.80 22.05 28.55
N TRP B 276 -2.60 22.64 28.57
CA TRP B 276 -2.28 23.80 27.73
C TRP B 276 -1.85 23.41 26.31
N1 URF C . 13.98 -22.14 -5.26
C2 URF C . 13.70 -22.16 -3.93
N3 URF C . 12.42 -22.08 -3.47
C4 URF C . 11.40 -22.01 -4.34
C5 URF C . 11.68 -22.00 -5.81
C6 URF C . 13.01 -22.07 -6.19
O2 URF C . 14.64 -22.23 -3.11
O4 URF C . 10.22 -21.95 -3.93
F5 URF C . 10.69 -21.93 -6.72
#